data_6V1O
#
_entry.id   6V1O
#
_cell.length_a   58.440
_cell.length_b   105.550
_cell.length_c   94.403
_cell.angle_alpha   90.000
_cell.angle_beta   107.920
_cell.angle_gamma   90.000
#
_symmetry.space_group_name_H-M   'P 1 21 1'
#
loop_
_entity.id
_entity.type
_entity.pdbx_description
1 polymer 'OXA family beta-lactamase'
2 non-polymer '(1aR,7bS)-5-fluoro-2-hydroxy-1,1a,2,7b-tetrahydrocyclopropa[c][1,2]benzoxaborinine-4-carboxylic acid'
3 non-polymer 'MAGNESIUM ION'
4 non-polymer 'CHLORIDE ION'
5 water water
#
_entity_poly.entity_id   1
_entity_poly.type   'polypeptide(L)'
_entity_poly.pdbx_seq_one_letter_code
;MKHHHHHHMHHHHHHENLYFQGWQENKSWNAHFTEHKSQGVVVLWNENKQQGFTNNLKRANQAFLPASTF(KCX)IPNSL
IALDLGVVKDEHQVFKWDGQTRDIATWNRDHNLITAMKYSVVPVYQEFARQIGEARMSKMLHAFDYGNEDISGNVDSFWL
DGGIRISATEQISFLRKLYHNKLHVSERSQRIVKQAMLTEANGDYIIRAKTGYSTRIEPKIGWWVGWVELDDNVWFFAMN
MDMPTSDGLGLRQAITKEVLKQEKIIP
;
_entity_poly.pdbx_strand_id   A,B,C,D
#
loop_
_chem_comp.id
_chem_comp.type
_chem_comp.name
_chem_comp.formula
CL non-polymer 'CHLORIDE ION' 'Cl -1'
MG non-polymer 'MAGNESIUM ION' 'Mg 2'
RM9 non-polymer '(1aR,7bS)-5-fluoro-2-hydroxy-1,1a,2,7b-tetrahydrocyclopropa[c][1,2]benzoxaborinine-4-carboxylic acid' 'C10 H8 B F O4'
#
# COMPACT_ATOMS: atom_id res chain seq x y z
N GLN A 21 -18.07 8.06 -23.35
CA GLN A 21 -17.66 6.64 -23.22
C GLN A 21 -16.26 6.50 -23.82
N GLY A 22 -15.38 7.45 -23.54
CA GLY A 22 -14.06 7.36 -24.16
C GLY A 22 -13.08 6.60 -23.28
N TRP A 23 -11.86 6.51 -23.78
CA TRP A 23 -10.79 5.80 -23.09
C TRP A 23 -9.59 6.71 -22.95
N GLN A 24 -8.92 6.64 -21.80
CA GLN A 24 -7.64 7.29 -21.61
C GLN A 24 -6.59 6.22 -21.39
N GLU A 25 -5.45 6.39 -22.03
CA GLU A 25 -4.30 5.54 -21.79
C GLU A 25 -3.37 6.28 -20.82
N ASN A 26 -3.20 5.72 -19.63
CA ASN A 26 -2.37 6.34 -18.60
C ASN A 26 -1.14 5.46 -18.39
N LYS A 27 -0.05 5.82 -19.08
CA LYS A 27 1.11 4.94 -19.07
C LYS A 27 1.92 5.02 -17.77
N SER A 28 1.63 5.97 -16.88
CA SER A 28 2.34 6.02 -15.60
C SER A 28 2.08 4.78 -14.75
N TRP A 29 0.96 4.08 -14.96
CA TRP A 29 0.72 2.85 -14.22
C TRP A 29 1.78 1.80 -14.49
N ASN A 30 2.49 1.89 -15.62
CA ASN A 30 3.52 0.91 -15.92
C ASN A 30 4.59 0.84 -14.84
N ALA A 31 4.78 1.91 -14.07
CA ALA A 31 5.78 1.90 -13.02
C ALA A 31 5.48 0.84 -11.95
N HIS A 32 4.19 0.54 -11.72
CA HIS A 32 3.86 -0.49 -10.74
C HIS A 32 4.18 -1.88 -11.27
N PHE A 33 4.14 -2.06 -12.59
CA PHE A 33 4.54 -3.34 -13.16
C PHE A 33 6.06 -3.47 -13.21
N THR A 34 6.74 -2.43 -13.68
CA THR A 34 8.19 -2.57 -13.86
C THR A 34 8.91 -2.71 -12.53
N GLU A 35 8.33 -2.19 -11.44
CA GLU A 35 8.95 -2.38 -10.14
C GLU A 35 9.20 -3.85 -9.83
N HIS A 36 8.33 -4.73 -10.32
CA HIS A 36 8.46 -6.16 -10.10
C HIS A 36 8.95 -6.90 -11.33
N LYS A 37 9.56 -6.19 -12.27
CA LYS A 37 10.03 -6.79 -13.52
C LYS A 37 8.91 -7.58 -14.19
N SER A 38 7.68 -7.07 -14.08
CA SER A 38 6.49 -7.68 -14.66
C SER A 38 6.02 -6.85 -15.84
N GLN A 39 5.06 -7.38 -16.58
CA GLN A 39 4.39 -6.65 -17.64
C GLN A 39 2.93 -7.08 -17.64
N GLY A 40 2.05 -6.11 -17.86
CA GLY A 40 0.64 -6.45 -17.84
C GLY A 40 -0.20 -5.23 -18.12
N VAL A 41 -1.50 -5.41 -17.92
CA VAL A 41 -2.48 -4.38 -18.22
C VAL A 41 -3.50 -4.33 -17.08
N VAL A 42 -3.87 -3.12 -16.69
CA VAL A 42 -5.02 -2.88 -15.83
C VAL A 42 -6.02 -2.07 -16.65
N VAL A 43 -7.28 -2.47 -16.61
CA VAL A 43 -8.37 -1.73 -17.23
C VAL A 43 -9.34 -1.33 -16.13
N LEU A 44 -9.68 -0.05 -16.07
CA LEU A 44 -10.70 0.46 -15.15
C LEU A 44 -11.85 1.04 -15.95
N TRP A 45 -13.06 0.91 -15.40
CA TRP A 45 -14.25 1.51 -15.98
C TRP A 45 -15.02 2.24 -14.89
N ASN A 46 -15.11 3.57 -15.02
CA ASN A 46 -15.91 4.41 -14.13
C ASN A 46 -17.37 4.34 -14.56
N GLU A 47 -18.22 3.70 -13.76
CA GLU A 47 -19.60 3.47 -14.19
C GLU A 47 -20.38 4.77 -14.29
N ASN A 48 -20.27 5.64 -13.28
CA ASN A 48 -21.01 6.90 -13.30
C ASN A 48 -20.69 7.72 -14.55
N LYS A 49 -19.41 7.84 -14.88
CA LYS A 49 -18.99 8.71 -15.97
C LYS A 49 -18.88 8.00 -17.32
N GLN A 50 -19.04 6.67 -17.34
CA GLN A 50 -18.87 5.87 -18.55
C GLN A 50 -17.55 6.21 -19.23
N GLN A 51 -16.46 6.12 -18.47
CA GLN A 51 -15.13 6.43 -18.95
C GLN A 51 -14.22 5.26 -18.62
N GLY A 52 -13.38 4.87 -19.59
CA GLY A 52 -12.44 3.77 -19.41
C GLY A 52 -11.01 4.29 -19.33
N PHE A 53 -10.19 3.58 -18.56
CA PHE A 53 -8.80 3.91 -18.33
C PHE A 53 -7.96 2.64 -18.40
N THR A 54 -6.79 2.74 -19.02
CA THR A 54 -5.90 1.59 -19.06
C THR A 54 -4.48 2.09 -19.26
N ASN A 55 -3.51 1.27 -18.84
CA ASN A 55 -2.12 1.59 -19.11
C ASN A 55 -1.65 1.10 -20.47
N ASN A 56 -2.45 0.30 -21.18
CA ASN A 56 -1.98 -0.34 -22.41
C ASN A 56 -3.21 -0.72 -23.23
N LEU A 57 -3.61 0.16 -24.15
CA LEU A 57 -4.81 -0.09 -24.94
C LEU A 57 -4.67 -1.35 -25.79
N LYS A 58 -3.47 -1.60 -26.31
CA LYS A 58 -3.25 -2.79 -27.10
C LYS A 58 -3.54 -4.05 -26.29
N ARG A 59 -2.86 -4.21 -25.15
CA ARG A 59 -3.04 -5.42 -24.35
C ARG A 59 -4.43 -5.49 -23.71
N ALA A 60 -5.04 -4.34 -23.42
CA ALA A 60 -6.40 -4.33 -22.90
C ALA A 60 -7.36 -5.03 -23.86
N ASN A 61 -7.04 -5.05 -25.15
CA ASN A 61 -7.91 -5.65 -26.14
C ASN A 61 -7.38 -6.97 -26.66
N GLN A 62 -6.35 -7.55 -26.04
CA GLN A 62 -5.90 -8.87 -26.45
C GLN A 62 -6.59 -9.94 -25.63
N ALA A 63 -7.01 -11.00 -26.31
CA ALA A 63 -7.82 -12.04 -25.70
C ALA A 63 -6.95 -13.19 -25.22
N PHE A 64 -7.30 -13.76 -24.06
CA PHE A 64 -6.57 -14.86 -23.44
C PHE A 64 -7.56 -15.88 -22.91
N LEU A 65 -7.04 -17.06 -22.58
CA LEU A 65 -7.83 -18.01 -21.82
C LEU A 65 -8.33 -17.34 -20.55
N PRO A 66 -9.60 -17.51 -20.18
CA PRO A 66 -10.08 -16.92 -18.91
C PRO A 66 -9.56 -17.64 -17.68
N ALA A 67 -9.19 -18.91 -17.82
CA ALA A 67 -8.82 -19.81 -16.71
C ALA A 67 -9.88 -19.63 -15.63
N SER A 68 -9.52 -19.47 -14.37
CA SER A 68 -10.49 -19.53 -13.28
C SER A 68 -11.38 -18.30 -13.19
N THR A 69 -11.12 -17.23 -13.96
CA THR A 69 -12.15 -16.19 -14.00
C THR A 69 -13.43 -16.71 -14.64
N PHE A 70 -13.34 -17.84 -15.35
CA PHE A 70 -14.53 -18.47 -15.93
C PHE A 70 -15.45 -18.99 -14.81
N KCX A 71 -14.95 -19.07 -13.58
CA KCX A 71 -15.80 -19.54 -12.49
CB KCX A 71 -15.01 -19.72 -11.18
CG KCX A 71 -14.27 -21.06 -11.21
CD KCX A 71 -13.33 -21.20 -10.00
CE KCX A 71 -12.63 -22.56 -10.04
NZ KCX A 71 -11.52 -22.52 -10.98
C KCX A 71 -16.99 -18.60 -12.29
O KCX A 71 -18.07 -19.01 -11.80
CX KCX A 71 -11.61 -23.08 -12.32
OQ1 KCX A 71 -10.62 -22.95 -13.11
OQ2 KCX A 71 -12.67 -23.68 -12.67
N ILE A 72 -16.87 -17.32 -12.72
CA ILE A 72 -18.02 -16.42 -12.63
C ILE A 72 -19.17 -16.88 -13.57
N PRO A 73 -18.99 -16.91 -14.90
CA PRO A 73 -20.10 -17.43 -15.73
C PRO A 73 -20.48 -18.87 -15.38
N ASN A 74 -19.51 -19.73 -15.04
CA ASN A 74 -19.84 -21.12 -14.72
C ASN A 74 -20.77 -21.22 -13.51
N SER A 75 -20.51 -20.44 -12.45
CA SER A 75 -21.40 -20.40 -11.29
C SER A 75 -22.80 -19.95 -11.67
N LEU A 76 -22.91 -18.90 -12.49
CA LEU A 76 -24.23 -18.40 -12.88
C LEU A 76 -25.04 -19.48 -13.59
N ILE A 77 -24.40 -20.18 -14.54
CA ILE A 77 -25.09 -21.19 -15.31
C ILE A 77 -25.51 -22.35 -14.42
N ALA A 78 -24.60 -22.81 -13.57
CA ALA A 78 -24.91 -23.92 -12.67
C ALA A 78 -26.08 -23.57 -11.77
N LEU A 79 -26.11 -22.34 -11.23
CA LEU A 79 -27.21 -21.92 -10.38
C LEU A 79 -28.51 -21.82 -11.16
N ASP A 80 -28.46 -21.20 -12.34
CA ASP A 80 -29.69 -20.99 -13.07
C ASP A 80 -30.29 -22.31 -13.53
N LEU A 81 -29.46 -23.29 -13.87
CA LEU A 81 -29.95 -24.60 -14.29
C LEU A 81 -30.27 -25.52 -13.12
N GLY A 82 -30.05 -25.09 -11.88
CA GLY A 82 -30.30 -25.94 -10.74
C GLY A 82 -29.24 -26.99 -10.49
N VAL A 83 -28.11 -26.94 -11.22
CA VAL A 83 -26.99 -27.82 -10.91
C VAL A 83 -26.46 -27.51 -9.51
N VAL A 84 -26.49 -26.25 -9.14
CA VAL A 84 -26.23 -25.80 -7.77
C VAL A 84 -27.56 -25.30 -7.23
N LYS A 85 -28.04 -25.93 -6.16
CA LYS A 85 -29.33 -25.53 -5.59
C LYS A 85 -29.23 -24.19 -4.88
N ASP A 86 -28.18 -24.00 -4.09
CA ASP A 86 -27.91 -22.74 -3.43
C ASP A 86 -26.45 -22.76 -2.99
N GLU A 87 -26.03 -21.71 -2.27
CA GLU A 87 -24.64 -21.48 -1.91
C GLU A 87 -24.19 -22.35 -0.74
N HIS A 88 -25.09 -23.19 -0.21
CA HIS A 88 -24.76 -24.11 0.87
C HIS A 88 -24.60 -25.56 0.40
N GLN A 89 -25.11 -25.90 -0.78
CA GLN A 89 -25.05 -27.27 -1.24
C GLN A 89 -23.60 -27.72 -1.29
N VAL A 90 -23.34 -28.92 -0.76
CA VAL A 90 -21.98 -29.43 -0.61
C VAL A 90 -21.62 -30.26 -1.83
N PHE A 91 -20.43 -30.01 -2.40
CA PHE A 91 -19.91 -30.82 -3.49
C PHE A 91 -18.69 -31.56 -2.96
N LYS A 92 -18.79 -32.88 -2.92
CA LYS A 92 -17.82 -33.67 -2.18
C LYS A 92 -16.51 -33.79 -2.93
N TRP A 93 -15.42 -33.81 -2.17
CA TRP A 93 -14.09 -34.09 -2.69
C TRP A 93 -14.05 -35.48 -3.32
N ASP A 94 -13.41 -35.59 -4.48
CA ASP A 94 -13.35 -36.89 -5.15
C ASP A 94 -12.27 -37.79 -4.59
N GLY A 95 -11.61 -37.37 -3.52
CA GLY A 95 -10.61 -38.20 -2.88
C GLY A 95 -9.25 -38.24 -3.57
N GLN A 96 -9.05 -37.49 -4.65
CA GLN A 96 -7.74 -37.38 -5.28
C GLN A 96 -7.00 -36.18 -4.69
N THR A 97 -5.89 -36.45 -4.03
CA THR A 97 -5.15 -35.37 -3.39
C THR A 97 -4.44 -34.56 -4.47
N ARG A 98 -4.70 -33.26 -4.50
CA ARG A 98 -4.12 -32.36 -5.48
C ARG A 98 -3.20 -31.37 -4.79
N ASP A 99 -2.47 -30.60 -5.61
CA ASP A 99 -1.38 -29.78 -5.12
C ASP A 99 -1.86 -28.69 -4.15
N ILE A 100 -2.96 -28.02 -4.48
CA ILE A 100 -3.47 -26.96 -3.62
C ILE A 100 -4.31 -27.61 -2.52
N ALA A 101 -3.82 -27.53 -1.28
CA ALA A 101 -4.36 -28.36 -0.18
C ALA A 101 -5.83 -28.07 0.07
N THR A 102 -6.23 -26.80 -0.05
CA THR A 102 -7.60 -26.41 0.21
C THR A 102 -8.58 -27.06 -0.76
N TRP A 103 -8.09 -27.60 -1.87
CA TRP A 103 -8.95 -28.31 -2.80
C TRP A 103 -9.38 -29.66 -2.25
N ASN A 104 -8.64 -30.22 -1.30
CA ASN A 104 -8.79 -31.62 -0.93
C ASN A 104 -9.79 -31.81 0.19
N ARG A 105 -10.99 -31.29 -0.02
CA ARG A 105 -12.05 -31.30 0.99
C ARG A 105 -13.37 -31.00 0.29
N ASP A 106 -14.47 -31.25 1.00
CA ASP A 106 -15.79 -30.85 0.50
C ASP A 106 -15.89 -29.33 0.41
N HIS A 107 -16.66 -28.86 -0.56
CA HIS A 107 -16.82 -27.42 -0.79
C HIS A 107 -18.27 -27.07 -1.07
N ASN A 108 -18.63 -25.81 -0.82
CA ASN A 108 -19.84 -25.23 -1.34
C ASN A 108 -19.46 -24.15 -2.37
N LEU A 109 -20.47 -23.45 -2.91
CA LEU A 109 -20.17 -22.45 -3.93
C LEU A 109 -19.23 -21.36 -3.39
N ILE A 110 -19.44 -20.93 -2.16
CA ILE A 110 -18.64 -19.84 -1.61
C ILE A 110 -17.18 -20.25 -1.49
N THR A 111 -16.93 -21.40 -0.86
CA THR A 111 -15.56 -21.81 -0.65
C THR A 111 -14.91 -22.29 -1.96
N ALA A 112 -15.70 -22.87 -2.88
CA ALA A 112 -15.14 -23.29 -4.16
C ALA A 112 -14.65 -22.09 -4.96
N MET A 113 -15.39 -20.98 -4.91
CA MET A 113 -14.92 -19.76 -5.55
C MET A 113 -13.69 -19.21 -4.84
N LYS A 114 -13.78 -19.11 -3.50
CA LYS A 114 -12.68 -18.58 -2.70
C LYS A 114 -11.36 -19.28 -3.00
N TYR A 115 -11.38 -20.60 -3.09
CA TYR A 115 -10.15 -21.35 -3.27
C TYR A 115 -9.93 -21.78 -4.70
N SER A 116 -10.80 -21.35 -5.62
CA SER A 116 -10.67 -21.68 -7.04
C SER A 116 -10.58 -23.19 -7.24
N VAL A 117 -11.56 -23.91 -6.70
CA VAL A 117 -11.51 -25.37 -6.68
C VAL A 117 -11.97 -25.95 -8.02
N VAL A 118 -11.01 -26.09 -8.96
CA VAL A 118 -11.31 -26.58 -10.30
C VAL A 118 -12.16 -27.85 -10.31
N PRO A 119 -11.84 -28.89 -9.53
CA PRO A 119 -12.60 -30.15 -9.67
C PRO A 119 -14.08 -29.96 -9.45
N VAL A 120 -14.48 -29.05 -8.56
CA VAL A 120 -15.88 -28.77 -8.33
C VAL A 120 -16.51 -28.15 -9.56
N TYR A 121 -15.81 -27.19 -10.18
CA TYR A 121 -16.39 -26.55 -11.37
C TYR A 121 -16.35 -27.47 -12.59
N GLN A 122 -15.44 -28.45 -12.63
CA GLN A 122 -15.50 -29.42 -13.71
C GLN A 122 -16.75 -30.30 -13.60
N GLU A 123 -17.12 -30.70 -12.38
CA GLU A 123 -18.38 -31.41 -12.18
C GLU A 123 -19.57 -30.54 -12.62
N PHE A 124 -19.56 -29.25 -12.26
CA PHE A 124 -20.61 -28.35 -12.74
C PHE A 124 -20.73 -28.43 -14.25
N ALA A 125 -19.58 -28.32 -14.93
CA ALA A 125 -19.58 -28.20 -16.39
C ALA A 125 -20.09 -29.48 -17.04
N ARG A 126 -19.73 -30.62 -16.47
CA ARG A 126 -20.22 -31.89 -17.00
C ARG A 126 -21.73 -31.99 -16.86
N GLN A 127 -22.28 -31.51 -15.75
CA GLN A 127 -23.72 -31.54 -15.56
C GLN A 127 -24.41 -30.52 -16.47
N ILE A 128 -23.78 -29.37 -16.69
CA ILE A 128 -24.35 -28.37 -17.60
C ILE A 128 -24.42 -28.94 -19.01
N GLY A 129 -23.30 -29.48 -19.49
CA GLY A 129 -23.26 -30.08 -20.81
C GLY A 129 -22.90 -29.08 -21.90
N GLU A 130 -22.44 -29.61 -23.03
CA GLU A 130 -21.93 -28.75 -24.11
C GLU A 130 -23.01 -27.82 -24.64
N ALA A 131 -24.19 -28.35 -24.94
CA ALA A 131 -25.20 -27.53 -25.62
C ALA A 131 -25.66 -26.37 -24.75
N ARG A 132 -25.93 -26.64 -23.47
CA ARG A 132 -26.38 -25.56 -22.60
C ARG A 132 -25.24 -24.60 -22.29
N MET A 133 -24.03 -25.11 -22.11
CA MET A 133 -22.89 -24.21 -21.88
C MET A 133 -22.72 -23.27 -23.07
N SER A 134 -22.77 -23.81 -24.29
CA SER A 134 -22.60 -22.98 -25.48
C SER A 134 -23.71 -21.94 -25.59
N LYS A 135 -24.96 -22.35 -25.40
CA LYS A 135 -26.09 -21.41 -25.47
C LYS A 135 -25.92 -20.28 -24.46
N MET A 136 -25.59 -20.62 -23.22
CA MET A 136 -25.46 -19.60 -22.19
C MET A 136 -24.37 -18.57 -22.54
N LEU A 137 -23.22 -19.04 -23.02
CA LEU A 137 -22.13 -18.11 -23.29
C LEU A 137 -22.48 -17.18 -24.45
N HIS A 138 -23.19 -17.69 -25.46
CA HIS A 138 -23.65 -16.80 -26.51
C HIS A 138 -24.59 -15.75 -25.94
N ALA A 139 -25.55 -16.17 -25.10
CA ALA A 139 -26.50 -15.23 -24.54
C ALA A 139 -25.82 -14.24 -23.60
N PHE A 140 -24.75 -14.65 -22.93
CA PHE A 140 -23.93 -13.76 -22.12
C PHE A 140 -23.04 -12.85 -22.95
N ASP A 141 -22.84 -13.16 -24.25
CA ASP A 141 -21.89 -12.45 -25.10
C ASP A 141 -20.49 -12.50 -24.51
N TYR A 142 -20.14 -13.66 -23.95
CA TYR A 142 -18.93 -13.82 -23.15
C TYR A 142 -17.73 -14.14 -24.06
N GLY A 143 -16.82 -13.17 -24.20
CA GLY A 143 -15.63 -13.38 -25.00
C GLY A 143 -15.96 -13.84 -26.40
N ASN A 144 -15.18 -14.80 -26.89
CA ASN A 144 -15.44 -15.33 -28.23
C ASN A 144 -16.48 -16.44 -28.22
N GLU A 145 -17.09 -16.75 -27.06
CA GLU A 145 -18.22 -17.68 -26.95
C GLU A 145 -17.90 -19.08 -27.45
N ASP A 146 -16.61 -19.46 -27.50
CA ASP A 146 -16.16 -20.69 -28.15
C ASP A 146 -15.78 -21.70 -27.06
N ILE A 147 -16.51 -22.81 -26.97
CA ILE A 147 -16.26 -23.79 -25.92
C ILE A 147 -15.52 -25.01 -26.46
N SER A 148 -14.92 -24.89 -27.65
CA SER A 148 -14.21 -26.00 -28.29
C SER A 148 -13.23 -26.67 -27.31
N GLY A 149 -13.22 -27.98 -27.33
CA GLY A 149 -12.44 -28.78 -26.39
C GLY A 149 -13.33 -29.55 -25.44
N ASN A 150 -12.73 -29.99 -24.33
CA ASN A 150 -13.47 -30.75 -23.32
C ASN A 150 -14.41 -29.82 -22.57
N VAL A 151 -15.64 -30.27 -22.35
CA VAL A 151 -16.61 -29.40 -21.69
C VAL A 151 -16.16 -29.06 -20.27
N ASP A 152 -15.36 -29.92 -19.64
CA ASP A 152 -14.90 -29.63 -18.28
C ASP A 152 -13.47 -29.10 -18.22
N SER A 153 -12.93 -28.61 -19.35
CA SER A 153 -11.61 -28.01 -19.29
C SER A 153 -11.37 -26.93 -20.33
N PHE A 154 -12.36 -26.57 -21.15
CA PHE A 154 -12.10 -25.63 -22.23
C PHE A 154 -11.65 -24.26 -21.74
N TRP A 155 -11.99 -23.87 -20.51
CA TRP A 155 -11.53 -22.58 -20.01
C TRP A 155 -10.07 -22.62 -19.58
N LEU A 156 -9.47 -23.81 -19.51
CA LEU A 156 -8.06 -23.99 -19.20
C LEU A 156 -7.20 -24.31 -20.42
N ASP A 157 -7.78 -25.03 -21.40
CA ASP A 157 -6.98 -25.43 -22.56
C ASP A 157 -7.81 -25.62 -23.82
N GLY A 158 -9.00 -25.07 -23.89
CA GLY A 158 -9.84 -25.15 -25.05
C GLY A 158 -9.82 -23.86 -25.84
N GLY A 159 -10.93 -23.58 -26.52
CA GLY A 159 -10.95 -22.46 -27.46
C GLY A 159 -11.45 -21.13 -26.95
N ILE A 160 -11.93 -21.06 -25.70
CA ILE A 160 -12.54 -19.84 -25.19
C ILE A 160 -11.46 -18.80 -24.92
N ARG A 161 -11.74 -17.55 -25.34
CA ARG A 161 -10.82 -16.44 -25.18
C ARG A 161 -11.61 -15.20 -24.80
N ILE A 162 -11.00 -14.36 -23.97
CA ILE A 162 -11.64 -13.12 -23.52
C ILE A 162 -10.55 -12.10 -23.25
N SER A 163 -10.81 -10.87 -23.66
CA SER A 163 -9.98 -9.70 -23.39
C SER A 163 -10.37 -9.05 -22.06
N ALA A 164 -9.46 -8.23 -21.53
CA ALA A 164 -9.79 -7.46 -20.32
C ALA A 164 -11.00 -6.55 -20.55
N THR A 165 -11.07 -5.87 -21.71
CA THR A 165 -12.24 -5.03 -21.95
C THR A 165 -13.51 -5.85 -22.08
N GLU A 166 -13.42 -7.05 -22.67
CA GLU A 166 -14.59 -7.92 -22.74
C GLU A 166 -15.01 -8.43 -21.36
N GLN A 167 -14.04 -8.64 -20.46
CA GLN A 167 -14.37 -8.98 -19.09
C GLN A 167 -15.21 -7.87 -18.46
N ILE A 168 -14.85 -6.60 -18.70
CA ILE A 168 -15.65 -5.50 -18.14
C ILE A 168 -17.08 -5.56 -18.65
N SER A 169 -17.26 -5.72 -19.97
CA SER A 169 -18.62 -5.71 -20.53
C SER A 169 -19.49 -6.77 -19.88
N PHE A 170 -18.92 -7.97 -19.69
CA PHE A 170 -19.65 -9.04 -19.04
C PHE A 170 -19.96 -8.70 -17.59
N LEU A 171 -18.96 -8.20 -16.87
CA LEU A 171 -19.13 -7.90 -15.46
C LEU A 171 -20.16 -6.80 -15.24
N ARG A 172 -20.18 -5.80 -16.13
CA ARG A 172 -21.19 -4.75 -15.99
C ARG A 172 -22.60 -5.31 -16.07
N LYS A 173 -22.83 -6.27 -16.98
CA LYS A 173 -24.16 -6.88 -17.05
C LYS A 173 -24.50 -7.60 -15.75
N LEU A 174 -23.56 -8.38 -15.22
CA LEU A 174 -23.78 -9.07 -13.95
C LEU A 174 -24.11 -8.08 -12.83
N TYR A 175 -23.36 -6.97 -12.74
CA TYR A 175 -23.62 -5.99 -11.69
C TYR A 175 -25.06 -5.48 -11.74
N HIS A 176 -25.55 -5.22 -12.95
CA HIS A 176 -26.87 -4.63 -13.15
C HIS A 176 -27.98 -5.67 -13.25
N ASN A 177 -27.68 -6.94 -12.99
CA ASN A 177 -28.66 -8.03 -13.12
C ASN A 177 -29.24 -8.10 -14.53
N LYS A 178 -28.46 -7.71 -15.52
CA LYS A 178 -28.89 -7.68 -16.92
C LYS A 178 -28.64 -8.99 -17.68
N LEU A 179 -28.06 -10.00 -17.06
CA LEU A 179 -27.98 -11.27 -17.77
C LEU A 179 -29.36 -11.92 -17.80
N HIS A 180 -29.54 -12.89 -18.72
CA HIS A 180 -30.85 -13.52 -18.89
C HIS A 180 -31.16 -14.59 -17.85
N VAL A 181 -30.18 -15.02 -17.06
CA VAL A 181 -30.43 -15.95 -15.95
C VAL A 181 -31.18 -15.21 -14.85
N SER A 182 -31.67 -15.94 -13.85
CA SER A 182 -32.53 -15.34 -12.83
C SER A 182 -31.78 -14.27 -12.06
N GLU A 183 -32.54 -13.29 -11.54
CA GLU A 183 -31.96 -12.35 -10.60
C GLU A 183 -31.31 -13.06 -9.41
N ARG A 184 -31.96 -14.12 -8.92
CA ARG A 184 -31.41 -14.87 -7.78
C ARG A 184 -30.02 -15.43 -8.09
N SER A 185 -29.87 -16.06 -9.26
N SER A 185 -29.87 -16.06 -9.26
CA SER A 185 -28.57 -16.59 -9.65
CA SER A 185 -28.55 -16.60 -9.62
C SER A 185 -27.51 -15.50 -9.66
C SER A 185 -27.50 -15.50 -9.66
N GLN A 186 -27.86 -14.33 -10.20
CA GLN A 186 -26.90 -13.23 -10.26
C GLN A 186 -26.55 -12.72 -8.88
N ARG A 187 -27.55 -12.61 -7.99
CA ARG A 187 -27.24 -12.16 -6.63
C ARG A 187 -26.34 -13.16 -5.91
N ILE A 188 -26.60 -14.47 -6.07
CA ILE A 188 -25.79 -15.45 -5.36
C ILE A 188 -24.34 -15.40 -5.84
N VAL A 189 -24.14 -15.28 -7.17
CA VAL A 189 -22.77 -15.26 -7.68
C VAL A 189 -22.04 -14.02 -7.20
N LYS A 190 -22.74 -12.88 -7.11
CA LYS A 190 -22.07 -11.68 -6.62
C LYS A 190 -21.75 -11.80 -5.14
N GLN A 191 -22.57 -12.49 -4.36
CA GLN A 191 -22.20 -12.81 -2.99
C GLN A 191 -20.94 -13.67 -2.96
N ALA A 192 -20.90 -14.70 -3.81
CA ALA A 192 -19.76 -15.61 -3.85
C ALA A 192 -18.47 -14.91 -4.31
N MET A 193 -18.59 -13.83 -5.10
CA MET A 193 -17.44 -13.06 -5.54
C MET A 193 -16.85 -12.15 -4.48
N LEU A 194 -17.56 -11.96 -3.36
CA LEU A 194 -17.08 -11.05 -2.33
C LEU A 194 -15.66 -11.43 -1.92
N THR A 195 -14.76 -10.46 -2.04
CA THR A 195 -13.35 -10.66 -1.74
C THR A 195 -12.88 -9.80 -0.58
N GLU A 196 -13.30 -8.56 -0.49
CA GLU A 196 -12.85 -7.66 0.56
C GLU A 196 -13.92 -6.61 0.83
N ALA A 197 -14.06 -6.21 2.08
CA ALA A 197 -15.00 -5.15 2.41
C ALA A 197 -14.52 -4.44 3.68
N ASN A 198 -14.77 -3.14 3.71
CA ASN A 198 -14.48 -2.33 4.88
C ASN A 198 -15.36 -1.10 4.80
N GLY A 199 -15.12 -0.13 5.68
CA GLY A 199 -15.87 1.11 5.70
C GLY A 199 -15.64 2.01 4.50
N ASP A 200 -14.65 1.71 3.64
CA ASP A 200 -14.37 2.54 2.48
C ASP A 200 -14.80 1.94 1.15
N TYR A 201 -14.79 0.62 0.99
CA TYR A 201 -15.11 0.01 -0.29
C TYR A 201 -15.44 -1.46 -0.11
N ILE A 202 -16.01 -2.04 -1.16
CA ILE A 202 -16.28 -3.47 -1.29
C ILE A 202 -15.68 -3.92 -2.62
N ILE A 203 -14.94 -5.02 -2.61
CA ILE A 203 -14.41 -5.61 -3.84
C ILE A 203 -15.08 -6.96 -4.04
N ARG A 204 -15.74 -7.11 -5.18
CA ARG A 204 -16.20 -8.41 -5.66
C ARG A 204 -15.39 -8.76 -6.90
N ALA A 205 -14.78 -9.93 -6.91
CA ALA A 205 -13.79 -10.23 -7.94
C ALA A 205 -13.53 -11.73 -8.00
N LYS A 206 -12.78 -12.14 -9.03
CA LYS A 206 -12.28 -13.50 -9.15
C LYS A 206 -10.89 -13.49 -9.77
N THR A 207 -9.97 -14.23 -9.16
CA THR A 207 -8.62 -14.39 -9.70
C THR A 207 -8.59 -15.51 -10.74
N GLY A 208 -7.62 -15.42 -11.64
CA GLY A 208 -7.38 -16.49 -12.59
C GLY A 208 -5.90 -16.68 -12.83
N TYR A 209 -5.53 -17.89 -13.23
CA TYR A 209 -4.14 -18.25 -13.50
C TYR A 209 -4.12 -19.27 -14.62
N SER A 210 -3.50 -18.91 -15.75
CA SER A 210 -3.56 -19.76 -16.94
C SER A 210 -2.13 -20.09 -17.37
N THR A 211 -1.81 -21.40 -17.42
CA THR A 211 -0.46 -21.85 -17.76
C THR A 211 -0.40 -22.86 -18.90
N ARG A 212 -1.53 -23.38 -19.37
CA ARG A 212 -1.47 -24.50 -20.29
C ARG A 212 -1.14 -24.08 -21.72
N ILE A 213 -1.32 -22.81 -22.08
CA ILE A 213 -0.80 -22.27 -23.33
C ILE A 213 -0.18 -20.91 -23.06
N GLU A 214 0.70 -20.49 -23.94
CA GLU A 214 1.41 -19.23 -23.80
C GLU A 214 0.53 -18.07 -24.24
N PRO A 215 0.71 -16.87 -23.62
CA PRO A 215 1.60 -16.66 -22.48
C PRO A 215 0.97 -17.07 -21.14
N LYS A 216 1.78 -17.57 -20.21
CA LYS A 216 1.27 -17.82 -18.86
C LYS A 216 0.92 -16.48 -18.23
N ILE A 217 -0.29 -16.35 -17.68
CA ILE A 217 -0.77 -15.07 -17.17
C ILE A 217 -1.58 -15.25 -15.88
N GLY A 218 -1.61 -14.19 -15.09
CA GLY A 218 -2.53 -14.06 -13.98
C GLY A 218 -3.62 -13.06 -14.31
N TRP A 219 -4.83 -13.31 -13.82
CA TRP A 219 -5.97 -12.42 -14.00
C TRP A 219 -6.46 -11.94 -12.64
N TRP A 220 -7.06 -10.75 -12.62
CA TRP A 220 -7.96 -10.35 -11.54
C TRP A 220 -9.04 -9.48 -12.17
N VAL A 221 -10.30 -9.88 -12.03
CA VAL A 221 -11.41 -9.16 -12.65
C VAL A 221 -12.53 -9.01 -11.64
N GLY A 222 -13.21 -7.87 -11.68
CA GLY A 222 -14.32 -7.64 -10.76
C GLY A 222 -14.69 -6.18 -10.67
N TRP A 223 -15.05 -5.70 -9.49
CA TRP A 223 -15.32 -4.28 -9.38
C TRP A 223 -15.13 -3.82 -7.93
N VAL A 224 -15.06 -2.50 -7.77
CA VAL A 224 -14.98 -1.83 -6.49
C VAL A 224 -16.27 -1.05 -6.29
N GLU A 225 -17.01 -1.36 -5.21
CA GLU A 225 -18.22 -0.59 -4.90
C GLU A 225 -17.88 0.50 -3.91
N LEU A 226 -18.17 1.76 -4.28
CA LEU A 226 -18.06 2.90 -3.40
C LEU A 226 -19.46 3.31 -2.97
N ASP A 227 -19.54 4.30 -2.07
CA ASP A 227 -20.85 4.81 -1.66
C ASP A 227 -21.70 5.24 -2.85
N ASP A 228 -21.08 5.91 -3.83
CA ASP A 228 -21.82 6.59 -4.89
C ASP A 228 -21.33 6.27 -6.31
N ASN A 229 -20.48 5.26 -6.47
CA ASN A 229 -19.99 4.88 -7.79
C ASN A 229 -19.53 3.44 -7.73
N VAL A 230 -19.35 2.85 -8.91
CA VAL A 230 -18.78 1.51 -9.06
C VAL A 230 -17.66 1.62 -10.09
N TRP A 231 -16.49 1.08 -9.74
CA TRP A 231 -15.34 1.02 -10.63
C TRP A 231 -15.13 -0.45 -11.02
N PHE A 232 -15.36 -0.78 -12.28
CA PHE A 232 -15.07 -2.12 -12.76
C PHE A 232 -13.60 -2.21 -13.13
N PHE A 233 -13.04 -3.41 -12.95
CA PHE A 233 -11.64 -3.60 -13.28
C PHE A 233 -11.41 -4.98 -13.88
N ALA A 234 -10.38 -5.06 -14.69
CA ALA A 234 -9.94 -6.33 -15.25
C ALA A 234 -8.46 -6.15 -15.53
N MET A 235 -7.64 -7.00 -14.92
CA MET A 235 -6.20 -6.92 -15.15
C MET A 235 -5.69 -8.29 -15.55
N ASN A 236 -4.65 -8.31 -16.37
CA ASN A 236 -3.85 -9.52 -16.48
C ASN A 236 -2.39 -9.13 -16.60
N MET A 237 -1.51 -10.09 -16.31
CA MET A 237 -0.07 -9.84 -16.28
C MET A 237 0.66 -11.14 -16.56
N ASP A 238 1.86 -11.04 -17.15
CA ASP A 238 2.66 -12.22 -17.35
C ASP A 238 2.98 -12.89 -16.01
N MET A 239 2.86 -14.21 -15.97
CA MET A 239 3.04 -14.98 -14.74
C MET A 239 3.99 -16.15 -15.05
N PRO A 240 5.29 -15.88 -15.17
CA PRO A 240 6.21 -16.96 -15.56
C PRO A 240 6.36 -18.03 -14.50
N THR A 241 6.15 -17.70 -13.22
CA THR A 241 6.00 -18.71 -12.17
C THR A 241 4.89 -18.29 -11.22
N SER A 242 4.47 -19.26 -10.39
CA SER A 242 3.44 -18.99 -9.39
C SER A 242 3.93 -18.06 -8.29
N ASP A 243 5.23 -17.75 -8.26
CA ASP A 243 5.77 -16.86 -7.24
C ASP A 243 5.14 -15.47 -7.30
N GLY A 244 4.69 -15.05 -8.48
CA GLY A 244 4.17 -13.70 -8.60
C GLY A 244 2.67 -13.55 -8.45
N LEU A 245 1.95 -14.59 -8.01
CA LEU A 245 0.48 -14.53 -8.04
C LEU A 245 -0.05 -13.36 -7.21
N GLY A 246 0.59 -13.06 -6.08
CA GLY A 246 0.12 -11.97 -5.24
C GLY A 246 0.22 -10.59 -5.88
N LEU A 247 1.03 -10.45 -6.93
CA LEU A 247 1.15 -9.15 -7.59
C LEU A 247 -0.13 -8.76 -8.31
N ARG A 248 -0.99 -9.73 -8.63
CA ARG A 248 -2.26 -9.43 -9.29
C ARG A 248 -3.06 -8.43 -8.47
N GLN A 249 -3.27 -8.73 -7.18
CA GLN A 249 -4.04 -7.81 -6.35
C GLN A 249 -3.24 -6.57 -5.96
N ALA A 250 -1.94 -6.75 -5.69
CA ALA A 250 -1.13 -5.62 -5.20
C ALA A 250 -0.96 -4.55 -6.27
N ILE A 251 -0.71 -4.96 -7.52
CA ILE A 251 -0.57 -3.96 -8.58
C ILE A 251 -1.90 -3.29 -8.88
N THR A 252 -2.99 -4.07 -8.91
CA THR A 252 -4.31 -3.46 -9.10
C THR A 252 -4.61 -2.45 -8.00
N LYS A 253 -4.29 -2.80 -6.75
CA LYS A 253 -4.56 -1.89 -5.64
C LYS A 253 -3.72 -0.63 -5.71
N GLU A 254 -2.48 -0.75 -6.19
CA GLU A 254 -1.65 0.43 -6.42
C GLU A 254 -2.28 1.36 -7.43
N VAL A 255 -2.85 0.80 -8.52
CA VAL A 255 -3.51 1.65 -9.51
C VAL A 255 -4.76 2.29 -8.91
N LEU A 256 -5.57 1.51 -8.17
CA LEU A 256 -6.75 2.09 -7.53
C LEU A 256 -6.37 3.20 -6.55
N LYS A 257 -5.26 3.03 -5.83
CA LYS A 257 -4.82 4.07 -4.90
C LYS A 257 -4.27 5.28 -5.65
N GLN A 258 -3.51 5.04 -6.73
CA GLN A 258 -2.98 6.16 -7.49
C GLN A 258 -4.13 7.01 -8.06
N GLU A 259 -5.22 6.37 -8.46
CA GLU A 259 -6.35 7.07 -9.03
C GLU A 259 -7.33 7.56 -7.97
N LYS A 260 -6.98 7.45 -6.69
CA LYS A 260 -7.79 7.93 -5.58
C LYS A 260 -9.11 7.19 -5.45
N ILE A 261 -9.22 6.00 -6.04
CA ILE A 261 -10.44 5.23 -5.94
C ILE A 261 -10.60 4.66 -4.54
N ILE A 262 -9.51 4.16 -3.97
CA ILE A 262 -9.53 3.69 -2.60
C ILE A 262 -8.44 4.45 -1.84
N PRO A 263 -8.56 4.62 -0.51
CA PRO A 263 -7.51 5.34 0.23
C PRO A 263 -6.18 4.59 0.26
N GLY B 22 -28.16 -23.52 29.90
CA GLY B 22 -28.05 -23.63 28.45
C GLY B 22 -26.83 -22.93 27.89
N TRP B 23 -26.70 -21.64 28.21
CA TRP B 23 -25.55 -20.85 27.80
C TRP B 23 -24.40 -21.04 28.78
N GLN B 24 -23.18 -21.09 28.26
CA GLN B 24 -22.00 -21.10 29.11
C GLN B 24 -21.63 -19.65 29.43
N GLU B 25 -21.36 -19.36 30.71
CA GLU B 25 -20.96 -18.03 31.11
C GLU B 25 -19.44 -17.95 31.16
N ASN B 26 -18.86 -16.95 30.51
CA ASN B 26 -17.42 -16.74 30.50
C ASN B 26 -17.15 -15.34 31.04
N LYS B 27 -16.94 -15.24 32.35
CA LYS B 27 -16.79 -13.90 32.94
C LYS B 27 -15.48 -13.23 32.57
N SER B 28 -14.49 -13.97 32.04
CA SER B 28 -13.21 -13.35 31.69
C SER B 28 -13.39 -12.23 30.65
N TRP B 29 -14.41 -12.32 29.81
CA TRP B 29 -14.65 -11.25 28.83
C TRP B 29 -14.93 -9.91 29.50
N ASN B 30 -15.36 -9.91 30.76
CA ASN B 30 -15.55 -8.65 31.48
C ASN B 30 -14.29 -7.79 31.44
N ALA B 31 -13.12 -8.44 31.35
CA ALA B 31 -11.85 -7.72 31.31
C ALA B 31 -11.81 -6.74 30.13
N HIS B 32 -12.41 -7.12 29.00
CA HIS B 32 -12.38 -6.24 27.83
C HIS B 32 -13.25 -4.99 28.04
N PHE B 33 -14.34 -5.12 28.79
CA PHE B 33 -15.15 -3.95 29.13
C PHE B 33 -14.48 -3.12 30.21
N THR B 34 -14.01 -3.78 31.26
CA THR B 34 -13.40 -3.08 32.38
C THR B 34 -12.21 -2.24 31.95
N GLU B 35 -11.47 -2.69 30.94
CA GLU B 35 -10.37 -1.89 30.43
C GLU B 35 -10.80 -0.48 30.08
N HIS B 36 -12.03 -0.29 29.62
CA HIS B 36 -12.48 1.02 29.18
C HIS B 36 -13.46 1.67 30.16
N LYS B 37 -13.45 1.25 31.42
CA LYS B 37 -14.37 1.78 32.43
C LYS B 37 -15.81 1.67 31.94
N SER B 38 -16.11 0.54 31.31
CA SER B 38 -17.45 0.30 30.82
C SER B 38 -17.94 -1.04 31.34
N GLN B 39 -19.19 -1.30 31.04
CA GLN B 39 -19.84 -2.56 31.34
C GLN B 39 -20.74 -2.90 30.16
N GLY B 40 -20.93 -4.19 29.95
CA GLY B 40 -21.76 -4.62 28.84
C GLY B 40 -21.77 -6.12 28.75
N VAL B 41 -22.34 -6.61 27.67
CA VAL B 41 -22.51 -8.03 27.45
C VAL B 41 -22.17 -8.33 26.00
N VAL B 42 -21.48 -9.44 25.78
CA VAL B 42 -21.35 -10.06 24.47
C VAL B 42 -22.00 -11.43 24.55
N VAL B 43 -22.76 -11.78 23.52
CA VAL B 43 -23.40 -13.08 23.39
C VAL B 43 -22.96 -13.68 22.07
N LEU B 44 -22.41 -14.89 22.11
CA LEU B 44 -21.99 -15.62 20.92
C LEU B 44 -22.79 -16.89 20.77
N TRP B 45 -23.07 -17.27 19.51
CA TRP B 45 -23.74 -18.53 19.20
C TRP B 45 -22.96 -19.27 18.13
N ASN B 46 -22.48 -20.46 18.48
CA ASN B 46 -21.77 -21.31 17.54
C ASN B 46 -22.81 -22.14 16.79
N GLU B 47 -23.03 -21.82 15.51
CA GLU B 47 -24.14 -22.41 14.78
C GLU B 47 -23.94 -23.91 14.57
N ASN B 48 -22.72 -24.33 14.23
CA ASN B 48 -22.45 -25.75 13.99
C ASN B 48 -22.72 -26.58 15.25
N LYS B 49 -22.22 -26.13 16.39
CA LYS B 49 -22.34 -26.89 17.63
C LYS B 49 -23.63 -26.61 18.39
N GLN B 50 -24.38 -25.59 17.98
CA GLN B 50 -25.57 -25.13 18.71
C GLN B 50 -25.26 -24.89 20.20
N GLN B 51 -24.19 -24.12 20.45
CA GLN B 51 -23.79 -23.71 21.79
C GLN B 51 -23.70 -22.19 21.85
N GLY B 52 -24.06 -21.64 23.00
CA GLY B 52 -24.00 -20.20 23.22
C GLY B 52 -23.09 -19.86 24.38
N PHE B 53 -22.52 -18.66 24.31
CA PHE B 53 -21.56 -18.17 25.30
C PHE B 53 -21.80 -16.70 25.57
N THR B 54 -21.67 -16.30 26.84
CA THR B 54 -21.86 -14.90 27.20
C THR B 54 -21.08 -14.61 28.47
N ASN B 55 -20.68 -13.35 28.62
CA ASN B 55 -20.02 -12.98 29.87
C ASN B 55 -21.00 -12.66 30.98
N ASN B 56 -22.29 -12.50 30.67
CA ASN B 56 -23.27 -12.11 31.71
C ASN B 56 -24.63 -12.67 31.34
N LEU B 57 -25.00 -13.79 31.97
CA LEU B 57 -26.27 -14.45 31.65
C LEU B 57 -27.47 -13.55 31.91
N LYS B 58 -27.41 -12.66 32.90
CA LYS B 58 -28.54 -11.77 33.18
C LYS B 58 -28.66 -10.69 32.10
N ARG B 59 -27.57 -9.95 31.85
CA ARG B 59 -27.66 -8.88 30.87
C ARG B 59 -27.88 -9.43 29.45
N ALA B 60 -27.39 -10.63 29.17
CA ALA B 60 -27.68 -11.28 27.88
C ALA B 60 -29.18 -11.34 27.58
N ASN B 61 -30.01 -11.44 28.61
CA ASN B 61 -31.45 -11.56 28.45
C ASN B 61 -32.19 -10.27 28.81
N GLN B 62 -31.47 -9.20 29.09
CA GLN B 62 -32.10 -7.92 29.38
C GLN B 62 -32.51 -7.21 28.09
N ALA B 63 -33.77 -6.77 28.03
CA ALA B 63 -34.35 -6.18 26.82
C ALA B 63 -34.16 -4.67 26.82
N PHE B 64 -33.61 -4.15 25.73
CA PHE B 64 -33.38 -2.71 25.56
C PHE B 64 -34.09 -2.23 24.30
N LEU B 65 -34.20 -0.90 24.16
CA LEU B 65 -34.52 -0.34 22.86
C LEU B 65 -33.51 -0.85 21.83
N PRO B 66 -33.96 -1.31 20.65
CA PRO B 66 -32.99 -1.74 19.62
C PRO B 66 -32.30 -0.59 18.96
N ALA B 67 -32.88 0.61 19.02
CA ALA B 67 -32.35 1.78 18.33
C ALA B 67 -32.05 1.39 16.89
N SER B 68 -30.89 1.78 16.36
CA SER B 68 -30.69 1.58 14.92
C SER B 68 -30.47 0.12 14.52
N THR B 69 -30.32 -0.82 15.48
CA THR B 69 -30.35 -2.21 15.03
C THR B 69 -31.70 -2.58 14.48
N PHE B 70 -32.74 -1.78 14.76
CA PHE B 70 -34.04 -2.01 14.17
C PHE B 70 -34.06 -1.80 12.64
N KCX B 71 -33.03 -1.17 12.09
CA KCX B 71 -32.96 -0.98 10.64
CB KCX B 71 -31.76 -0.09 10.25
CG KCX B 71 -32.04 1.38 10.60
CD KCX B 71 -30.83 2.25 10.27
CE KCX B 71 -31.19 3.73 10.48
NZ KCX B 71 -31.23 4.02 11.90
C KCX B 71 -32.89 -2.33 9.95
O KCX B 71 -33.20 -2.44 8.74
CX KCX B 71 -32.45 4.14 12.65
OQ1 KCX B 71 -32.44 4.33 13.92
OQ2 KCX B 71 -33.54 4.05 12.04
N ILE B 72 -32.51 -3.40 10.65
CA ILE B 72 -32.55 -4.71 10.00
C ILE B 72 -34.01 -5.18 9.72
N PRO B 73 -34.88 -5.36 10.75
CA PRO B 73 -36.27 -5.72 10.44
C PRO B 73 -37.01 -4.66 9.62
N ASN B 74 -36.75 -3.37 9.86
CA ASN B 74 -37.38 -2.31 9.07
C ASN B 74 -37.04 -2.45 7.58
N SER B 75 -35.76 -2.69 7.26
CA SER B 75 -35.36 -2.92 5.87
C SER B 75 -36.10 -4.12 5.28
N LEU B 76 -36.17 -5.22 6.03
CA LEU B 76 -36.84 -6.41 5.51
C LEU B 76 -38.30 -6.12 5.18
N ILE B 77 -38.98 -5.43 6.09
CA ILE B 77 -40.40 -5.13 5.90
C ILE B 77 -40.59 -4.17 4.73
N ALA B 78 -39.71 -3.17 4.61
CA ALA B 78 -39.86 -2.18 3.54
C ALA B 78 -39.65 -2.83 2.18
N LEU B 79 -38.68 -3.74 2.09
CA LEU B 79 -38.47 -4.49 0.86
C LEU B 79 -39.66 -5.38 0.53
N ASP B 80 -40.18 -6.11 1.54
CA ASP B 80 -41.21 -7.09 1.22
C ASP B 80 -42.51 -6.42 0.80
N LEU B 81 -42.77 -5.22 1.31
CA LEU B 81 -43.95 -4.45 0.93
C LEU B 81 -43.69 -3.52 -0.23
N GLY B 82 -42.51 -3.56 -0.84
CA GLY B 82 -42.25 -2.73 -2.00
C GLY B 82 -42.09 -1.26 -1.69
N VAL B 83 -42.02 -0.88 -0.41
CA VAL B 83 -41.65 0.48 -0.05
C VAL B 83 -40.25 0.79 -0.58
N VAL B 84 -39.37 -0.20 -0.55
CA VAL B 84 -38.05 -0.16 -1.17
C VAL B 84 -38.07 -1.17 -2.32
N LYS B 85 -37.84 -0.70 -3.54
CA LYS B 85 -37.94 -1.58 -4.70
C LYS B 85 -36.71 -2.46 -4.84
N ASP B 86 -35.53 -1.89 -4.63
CA ASP B 86 -34.27 -2.61 -4.63
C ASP B 86 -33.24 -1.77 -3.90
N GLU B 87 -32.00 -2.29 -3.81
CA GLU B 87 -30.94 -1.62 -3.07
C GLU B 87 -30.39 -0.40 -3.81
N HIS B 88 -30.87 -0.12 -5.02
CA HIS B 88 -30.42 1.05 -5.77
C HIS B 88 -31.37 2.22 -5.71
N GLN B 89 -32.61 2.00 -5.27
CA GLN B 89 -33.60 3.07 -5.26
C GLN B 89 -33.10 4.20 -4.38
N VAL B 90 -33.18 5.43 -4.92
CA VAL B 90 -32.64 6.61 -4.25
C VAL B 90 -33.73 7.27 -3.43
N PHE B 91 -33.44 7.53 -2.16
CA PHE B 91 -34.34 8.29 -1.30
C PHE B 91 -33.72 9.66 -1.06
N LYS B 92 -34.28 10.67 -1.72
CA LYS B 92 -33.67 11.99 -1.75
C LYS B 92 -33.70 12.64 -0.38
N TRP B 93 -32.64 13.38 -0.07
CA TRP B 93 -32.58 14.19 1.14
C TRP B 93 -33.74 15.19 1.16
N ASP B 94 -34.36 15.34 2.33
CA ASP B 94 -35.50 16.25 2.46
C ASP B 94 -35.09 17.70 2.61
N GLY B 95 -33.80 18.01 2.48
CA GLY B 95 -33.31 19.37 2.57
C GLY B 95 -33.12 19.90 3.97
N GLN B 96 -33.48 19.14 5.00
CA GLN B 96 -33.30 19.58 6.38
C GLN B 96 -31.92 19.15 6.85
N THR B 97 -31.13 20.12 7.31
CA THR B 97 -29.76 19.86 7.73
C THR B 97 -29.76 19.32 9.15
N ARG B 98 -29.17 18.13 9.33
CA ARG B 98 -29.17 17.44 10.61
C ARG B 98 -27.74 17.30 11.13
N ASP B 99 -27.62 16.91 12.40
CA ASP B 99 -26.33 17.01 13.08
C ASP B 99 -25.29 16.02 12.56
N ILE B 100 -25.72 14.94 11.92
CA ILE B 100 -24.82 13.95 11.35
C ILE B 100 -24.69 14.28 9.86
N ALA B 101 -23.51 14.76 9.47
CA ALA B 101 -23.32 15.28 8.13
C ALA B 101 -23.69 14.27 7.06
N THR B 102 -23.38 12.99 7.28
CA THR B 102 -23.65 11.98 6.26
C THR B 102 -25.13 11.79 6.00
N TRP B 103 -26.01 12.22 6.90
CA TRP B 103 -27.44 12.13 6.65
C TRP B 103 -27.93 13.16 5.64
N ASN B 104 -27.17 14.24 5.41
CA ASN B 104 -27.66 15.39 4.64
C ASN B 104 -27.37 15.23 3.14
N ARG B 105 -27.83 14.12 2.58
CA ARG B 105 -27.57 13.77 1.19
C ARG B 105 -28.54 12.68 0.78
N ASP B 106 -28.60 12.41 -0.53
CA ASP B 106 -29.42 11.31 -1.00
C ASP B 106 -28.81 9.98 -0.58
N HIS B 107 -29.66 8.96 -0.43
CA HIS B 107 -29.21 7.65 0.01
C HIS B 107 -30.00 6.55 -0.67
N ASN B 108 -29.38 5.38 -0.75
CA ASN B 108 -30.07 4.14 -1.09
C ASN B 108 -30.06 3.23 0.15
N LEU B 109 -30.55 2.00 0.00
CA LEU B 109 -30.62 1.11 1.15
C LEU B 109 -29.23 0.80 1.69
N ILE B 110 -28.25 0.58 0.79
CA ILE B 110 -26.88 0.30 1.22
C ILE B 110 -26.32 1.44 2.05
N THR B 111 -26.38 2.67 1.52
CA THR B 111 -25.74 3.75 2.27
C THR B 111 -26.58 4.18 3.46
N ALA B 112 -27.91 4.02 3.39
CA ALA B 112 -28.72 4.39 4.54
C ALA B 112 -28.47 3.45 5.71
N MET B 113 -28.18 2.18 5.42
CA MET B 113 -27.78 1.28 6.49
C MET B 113 -26.39 1.63 6.98
N LYS B 114 -25.46 1.90 6.05
CA LYS B 114 -24.07 2.11 6.43
C LYS B 114 -23.93 3.31 7.36
N TYR B 115 -24.65 4.40 7.08
CA TYR B 115 -24.58 5.62 7.86
C TYR B 115 -25.73 5.76 8.84
N SER B 116 -26.53 4.71 8.99
CA SER B 116 -27.63 4.68 9.96
C SER B 116 -28.54 5.92 9.83
N VAL B 117 -29.09 6.10 8.63
CA VAL B 117 -29.75 7.37 8.27
C VAL B 117 -31.21 7.31 8.73
N VAL B 118 -31.44 7.81 9.96
CA VAL B 118 -32.77 7.80 10.57
C VAL B 118 -33.88 8.34 9.66
N PRO B 119 -33.77 9.55 9.08
CA PRO B 119 -34.92 10.11 8.35
C PRO B 119 -35.36 9.24 7.18
N VAL B 120 -34.44 8.50 6.56
CA VAL B 120 -34.82 7.57 5.50
C VAL B 120 -35.70 6.45 6.07
N TYR B 121 -35.32 5.87 7.21
CA TYR B 121 -36.08 4.77 7.80
C TYR B 121 -37.37 5.25 8.47
N GLN B 122 -37.42 6.51 8.89
CA GLN B 122 -38.69 7.03 9.37
C GLN B 122 -39.70 7.13 8.24
N GLU B 123 -39.25 7.50 7.04
CA GLU B 123 -40.14 7.51 5.88
C GLU B 123 -40.61 6.10 5.55
N PHE B 124 -39.71 5.11 5.58
CA PHE B 124 -40.13 3.71 5.41
C PHE B 124 -41.26 3.38 6.40
N ALA B 125 -41.04 3.71 7.68
CA ALA B 125 -42.00 3.31 8.72
C ALA B 125 -43.36 3.95 8.50
N ARG B 126 -43.39 5.23 8.15
CA ARG B 126 -44.67 5.86 7.85
C ARG B 126 -45.37 5.15 6.71
N GLN B 127 -44.63 4.76 5.67
CA GLN B 127 -45.27 4.13 4.52
C GLN B 127 -45.72 2.72 4.86
N ILE B 128 -44.93 2.01 5.68
CA ILE B 128 -45.35 0.71 6.17
C ILE B 128 -46.64 0.84 6.98
N GLY B 129 -46.65 1.77 7.93
CA GLY B 129 -47.86 1.97 8.71
C GLY B 129 -47.89 1.05 9.92
N GLU B 130 -48.60 1.49 10.97
CA GLU B 130 -48.50 0.78 12.23
C GLU B 130 -49.18 -0.60 12.18
N ALA B 131 -50.25 -0.75 11.39
CA ALA B 131 -50.90 -2.06 11.32
C ALA B 131 -49.96 -3.12 10.73
N ARG B 132 -49.34 -2.83 9.59
CA ARG B 132 -48.43 -3.79 8.97
C ARG B 132 -47.14 -3.94 9.77
N MET B 133 -46.65 -2.86 10.37
CA MET B 133 -45.44 -2.96 11.18
C MET B 133 -45.66 -3.93 12.33
N SER B 134 -46.77 -3.76 13.05
CA SER B 134 -47.09 -4.66 14.15
C SER B 134 -47.23 -6.11 13.70
N LYS B 135 -47.93 -6.37 12.59
CA LYS B 135 -48.12 -7.76 12.18
C LYS B 135 -46.79 -8.41 11.80
N MET B 136 -45.91 -7.65 11.13
CA MET B 136 -44.64 -8.23 10.71
C MET B 136 -43.74 -8.52 11.89
N LEU B 137 -43.73 -7.63 12.89
CA LEU B 137 -42.88 -7.89 14.06
C LEU B 137 -43.39 -9.11 14.83
N HIS B 138 -44.71 -9.32 14.84
CA HIS B 138 -45.25 -10.55 15.43
C HIS B 138 -44.84 -11.75 14.60
N ALA B 139 -44.93 -11.64 13.27
CA ALA B 139 -44.50 -12.73 12.40
C ALA B 139 -43.02 -13.04 12.59
N PHE B 140 -42.20 -12.02 12.80
CA PHE B 140 -40.77 -12.18 13.04
C PHE B 140 -40.45 -12.65 14.45
N ASP B 141 -41.44 -12.71 15.35
CA ASP B 141 -41.20 -13.03 16.75
C ASP B 141 -40.16 -12.11 17.37
N TYR B 142 -40.20 -10.81 17.00
CA TYR B 142 -39.10 -9.88 17.26
C TYR B 142 -39.27 -9.21 18.63
N GLY B 143 -38.39 -9.55 19.57
CA GLY B 143 -38.38 -8.88 20.86
C GLY B 143 -39.73 -9.00 21.55
N ASN B 144 -40.17 -7.90 22.16
CA ASN B 144 -41.47 -7.91 22.81
C ASN B 144 -42.61 -7.54 21.86
N GLU B 145 -42.34 -7.39 20.56
CA GLU B 145 -43.37 -7.21 19.51
C GLU B 145 -44.27 -6.00 19.74
N ASP B 146 -43.79 -4.99 20.46
CA ASP B 146 -44.60 -3.86 20.93
C ASP B 146 -44.15 -2.62 20.18
N ILE B 147 -45.05 -1.98 19.45
CA ILE B 147 -44.65 -0.80 18.69
C ILE B 147 -45.27 0.47 19.26
N SER B 148 -45.68 0.47 20.53
CA SER B 148 -46.29 1.66 21.09
C SER B 148 -45.32 2.84 20.99
N GLY B 149 -45.86 4.01 20.69
CA GLY B 149 -45.09 5.19 20.37
C GLY B 149 -45.41 5.69 18.98
N ASN B 150 -44.61 6.64 18.51
CA ASN B 150 -44.78 7.14 17.15
C ASN B 150 -44.40 6.05 16.16
N VAL B 151 -45.19 5.91 15.09
CA VAL B 151 -44.89 4.88 14.10
C VAL B 151 -43.50 5.09 13.48
N ASP B 152 -42.99 6.33 13.49
CA ASP B 152 -41.69 6.64 12.90
C ASP B 152 -40.60 6.90 13.94
N SER B 153 -40.81 6.52 15.21
CA SER B 153 -39.70 6.58 16.17
C SER B 153 -39.78 5.55 17.28
N PHE B 154 -40.70 4.59 17.23
CA PHE B 154 -40.90 3.71 18.38
C PHE B 154 -39.65 2.87 18.68
N TRP B 155 -38.77 2.63 17.70
CA TRP B 155 -37.53 1.91 17.96
C TRP B 155 -36.46 2.79 18.59
N LEU B 156 -36.68 4.10 18.69
CA LEU B 156 -35.77 4.99 19.41
C LEU B 156 -36.31 5.47 20.74
N ASP B 157 -37.63 5.68 20.86
CA ASP B 157 -38.15 6.21 22.11
C ASP B 157 -39.56 5.72 22.43
N GLY B 158 -39.98 4.58 21.85
CA GLY B 158 -41.27 3.99 22.16
C GLY B 158 -41.15 2.68 22.93
N GLY B 159 -42.04 1.74 22.63
CA GLY B 159 -42.23 0.57 23.48
C GLY B 159 -41.46 -0.68 23.11
N ILE B 160 -40.78 -0.72 21.97
CA ILE B 160 -40.16 -1.97 21.50
C ILE B 160 -38.90 -2.25 22.30
N ARG B 161 -38.77 -3.50 22.77
CA ARG B 161 -37.67 -3.95 23.63
C ARG B 161 -37.17 -5.29 23.15
N ILE B 162 -35.85 -5.44 23.02
CA ILE B 162 -35.25 -6.71 22.56
C ILE B 162 -33.95 -6.93 23.32
N SER B 163 -33.73 -8.19 23.72
CA SER B 163 -32.52 -8.59 24.41
C SER B 163 -31.47 -9.11 23.40
N ALA B 164 -30.22 -9.21 23.88
CA ALA B 164 -29.15 -9.72 23.02
C ALA B 164 -29.44 -11.16 22.55
N THR B 165 -29.99 -12.01 23.42
CA THR B 165 -30.30 -13.38 22.99
C THR B 165 -31.46 -13.39 22.00
N GLU B 166 -32.43 -12.51 22.19
CA GLU B 166 -33.50 -12.39 21.20
C GLU B 166 -32.97 -11.87 19.86
N GLN B 167 -31.93 -11.02 19.88
CA GLN B 167 -31.33 -10.57 18.62
C GLN B 167 -30.69 -11.76 17.89
N ILE B 168 -30.02 -12.65 18.63
CA ILE B 168 -29.44 -13.86 18.01
C ILE B 168 -30.54 -14.68 17.34
N SER B 169 -31.66 -14.87 18.04
CA SER B 169 -32.76 -15.69 17.52
C SER B 169 -33.23 -15.14 16.18
N PHE B 170 -33.46 -13.83 16.13
CA PHE B 170 -33.93 -13.17 14.93
C PHE B 170 -32.88 -13.25 13.82
N LEU B 171 -31.62 -13.01 14.16
CA LEU B 171 -30.56 -13.06 13.16
C LEU B 171 -30.39 -14.47 12.61
N ARG B 172 -30.60 -15.50 13.44
CA ARG B 172 -30.48 -16.86 12.91
C ARG B 172 -31.54 -17.13 11.86
N LYS B 173 -32.77 -16.68 12.10
CA LYS B 173 -33.80 -16.85 11.08
C LYS B 173 -33.42 -16.13 9.79
N LEU B 174 -32.91 -14.90 9.89
CA LEU B 174 -32.51 -14.16 8.68
C LEU B 174 -31.41 -14.89 7.93
N TYR B 175 -30.39 -15.38 8.66
CA TYR B 175 -29.31 -16.10 8.01
C TYR B 175 -29.84 -17.28 7.20
N HIS B 176 -30.81 -18.02 7.76
CA HIS B 176 -31.33 -19.21 7.11
C HIS B 176 -32.51 -18.93 6.19
N ASN B 177 -32.79 -17.65 5.91
CA ASN B 177 -33.92 -17.25 5.03
C ASN B 177 -35.27 -17.75 5.60
N LYS B 178 -35.36 -17.88 6.92
CA LYS B 178 -36.55 -18.47 7.57
C LYS B 178 -37.56 -17.40 8.02
N LEU B 179 -37.26 -16.12 7.84
CA LEU B 179 -38.22 -15.11 8.26
C LEU B 179 -39.38 -15.05 7.27
N HIS B 180 -40.51 -14.49 7.73
CA HIS B 180 -41.76 -14.44 6.99
C HIS B 180 -41.78 -13.32 5.96
N VAL B 181 -40.75 -13.26 5.12
CA VAL B 181 -40.66 -12.37 3.97
C VAL B 181 -39.99 -13.16 2.85
N SER B 182 -39.88 -12.57 1.67
CA SER B 182 -39.34 -13.32 0.54
C SER B 182 -37.86 -13.61 0.76
N GLU B 183 -37.37 -14.64 0.06
CA GLU B 183 -35.93 -14.90 0.04
C GLU B 183 -35.16 -13.69 -0.46
N ARG B 184 -35.64 -13.10 -1.56
CA ARG B 184 -34.97 -11.92 -2.12
C ARG B 184 -34.81 -10.81 -1.07
N SER B 185 -35.85 -10.56 -0.28
CA SER B 185 -35.77 -9.50 0.73
C SER B 185 -34.66 -9.81 1.72
N GLN B 186 -34.59 -11.07 2.13
CA GLN B 186 -33.58 -11.47 3.09
C GLN B 186 -32.19 -11.38 2.48
N ARG B 187 -32.03 -11.79 1.22
CA ARG B 187 -30.72 -11.68 0.56
C ARG B 187 -30.28 -10.22 0.46
N ILE B 188 -31.20 -9.32 0.10
CA ILE B 188 -30.84 -7.91 -0.05
C ILE B 188 -30.40 -7.31 1.29
N VAL B 189 -31.14 -7.61 2.37
CA VAL B 189 -30.78 -7.04 3.66
C VAL B 189 -29.43 -7.58 4.12
N LYS B 190 -29.17 -8.87 3.87
CA LYS B 190 -27.88 -9.44 4.24
C LYS B 190 -26.75 -8.80 3.45
N GLN B 191 -27.00 -8.46 2.18
CA GLN B 191 -26.04 -7.67 1.42
C GLN B 191 -25.83 -6.32 2.09
N ALA B 192 -26.93 -5.66 2.48
CA ALA B 192 -26.82 -4.32 3.08
C ALA B 192 -26.12 -4.36 4.44
N MET B 193 -26.14 -5.50 5.12
CA MET B 193 -25.48 -5.63 6.40
C MET B 193 -23.98 -5.84 6.28
N LEU B 194 -23.47 -6.07 5.07
CA LEU B 194 -22.04 -6.36 4.93
C LEU B 194 -21.21 -5.24 5.53
N THR B 195 -20.31 -5.60 6.43
CA THR B 195 -19.51 -4.64 7.18
C THR B 195 -18.02 -4.81 6.95
N GLU B 196 -17.52 -6.05 6.90
CA GLU B 196 -16.08 -6.29 6.78
C GLU B 196 -15.87 -7.66 6.17
N ALA B 197 -14.87 -7.76 5.30
CA ALA B 197 -14.54 -9.06 4.73
C ALA B 197 -13.07 -9.07 4.36
N ASN B 198 -12.39 -10.14 4.76
CA ASN B 198 -11.06 -10.42 4.28
C ASN B 198 -11.02 -11.92 3.96
N GLY B 199 -9.83 -12.42 3.68
CA GLY B 199 -9.74 -13.84 3.37
C GLY B 199 -9.97 -14.77 4.53
N ASP B 200 -10.15 -14.26 5.75
CA ASP B 200 -10.38 -15.07 6.93
C ASP B 200 -11.83 -15.08 7.40
N TYR B 201 -12.60 -14.02 7.15
CA TYR B 201 -13.95 -13.95 7.70
C TYR B 201 -14.75 -12.89 6.96
N ILE B 202 -16.07 -12.99 7.11
CA ILE B 202 -17.03 -12.00 6.61
C ILE B 202 -17.91 -11.61 7.80
N ILE B 203 -18.04 -10.31 8.07
CA ILE B 203 -18.93 -9.83 9.12
C ILE B 203 -20.09 -9.13 8.47
N ARG B 204 -21.30 -9.60 8.77
CA ARG B 204 -22.54 -8.90 8.44
C ARG B 204 -23.17 -8.47 9.74
N ALA B 205 -23.43 -7.17 9.89
CA ALA B 205 -23.84 -6.67 11.19
C ALA B 205 -24.54 -5.32 11.07
N LYS B 206 -25.08 -4.84 12.20
CA LYS B 206 -25.61 -3.48 12.27
C LYS B 206 -25.34 -2.92 13.67
N THR B 207 -24.76 -1.72 13.71
CA THR B 207 -24.57 -0.97 14.94
C THR B 207 -25.86 -0.28 15.37
N GLY B 208 -25.92 0.05 16.66
CA GLY B 208 -27.00 0.88 17.18
C GLY B 208 -26.52 1.71 18.35
N TYR B 209 -27.12 2.88 18.51
CA TYR B 209 -26.81 3.77 19.63
C TYR B 209 -28.13 4.34 20.11
N SER B 210 -28.54 3.92 21.30
CA SER B 210 -29.81 4.33 21.88
C SER B 210 -29.53 5.47 22.86
N THR B 211 -29.97 6.69 22.51
CA THR B 211 -29.70 7.89 23.30
C THR B 211 -30.95 8.57 23.83
N ARG B 212 -32.12 8.29 23.31
CA ARG B 212 -33.30 9.06 23.68
C ARG B 212 -33.85 8.68 25.05
N ILE B 213 -33.59 7.47 25.50
CA ILE B 213 -34.11 6.96 26.76
C ILE B 213 -32.96 6.32 27.52
N GLU B 214 -32.89 6.59 28.81
CA GLU B 214 -31.82 5.99 29.60
C GLU B 214 -32.10 4.51 29.85
N PRO B 215 -31.05 3.68 30.05
CA PRO B 215 -29.64 4.06 29.98
C PRO B 215 -29.12 4.11 28.55
N LYS B 216 -28.30 5.11 28.23
CA LYS B 216 -27.74 5.16 26.89
C LYS B 216 -26.83 3.96 26.67
N ILE B 217 -27.07 3.21 25.59
CA ILE B 217 -26.32 2.00 25.33
C ILE B 217 -25.97 1.93 23.85
N GLY B 218 -24.85 1.27 23.56
CA GLY B 218 -24.46 0.94 22.20
C GLY B 218 -24.67 -0.54 21.94
N TRP B 219 -25.01 -0.87 20.69
CA TRP B 219 -25.28 -2.23 20.24
C TRP B 219 -24.33 -2.56 19.10
N TRP B 220 -24.03 -3.84 18.96
CA TRP B 220 -23.54 -4.38 17.68
C TRP B 220 -24.08 -5.79 17.55
N VAL B 221 -24.82 -6.07 16.49
CA VAL B 221 -25.45 -7.39 16.32
C VAL B 221 -25.22 -7.88 14.90
N GLY B 222 -25.02 -9.17 14.75
CA GLY B 222 -24.68 -9.66 13.42
C GLY B 222 -24.08 -11.05 13.50
N TRP B 223 -23.22 -11.36 12.55
CA TRP B 223 -22.57 -12.66 12.59
C TRP B 223 -21.25 -12.63 11.83
N VAL B 224 -20.45 -13.66 12.07
CA VAL B 224 -19.14 -13.87 11.44
C VAL B 224 -19.22 -15.15 10.64
N GLU B 225 -19.01 -15.05 9.33
CA GLU B 225 -19.04 -16.21 8.46
C GLU B 225 -17.61 -16.71 8.30
N LEU B 226 -17.38 -17.98 8.63
CA LEU B 226 -16.14 -18.69 8.37
C LEU B 226 -16.35 -19.65 7.19
N ASP B 227 -15.28 -20.31 6.76
CA ASP B 227 -15.41 -21.32 5.71
C ASP B 227 -16.45 -22.37 6.08
N ASP B 228 -16.40 -22.87 7.32
CA ASP B 228 -17.16 -24.06 7.70
C ASP B 228 -18.12 -23.84 8.86
N ASN B 229 -18.35 -22.60 9.29
CA ASN B 229 -19.20 -22.34 10.44
C ASN B 229 -19.65 -20.90 10.37
N VAL B 230 -20.62 -20.55 11.21
CA VAL B 230 -21.01 -19.16 11.38
C VAL B 230 -21.19 -18.92 12.87
N TRP B 231 -20.63 -17.82 13.36
CA TRP B 231 -20.77 -17.40 14.74
C TRP B 231 -21.68 -16.17 14.79
N PHE B 232 -22.86 -16.32 15.38
CA PHE B 232 -23.72 -15.16 15.58
C PHE B 232 -23.28 -14.42 16.83
N PHE B 233 -23.43 -13.09 16.79
CA PHE B 233 -23.10 -12.31 17.98
C PHE B 233 -24.12 -11.21 18.20
N ALA B 234 -24.24 -10.80 19.46
CA ALA B 234 -25.03 -9.64 19.81
C ALA B 234 -24.44 -9.04 21.07
N MET B 235 -24.11 -7.77 21.04
CA MET B 235 -23.47 -7.12 22.17
C MET B 235 -24.17 -5.81 22.46
N ASN B 236 -24.18 -5.43 23.73
CA ASN B 236 -24.55 -4.06 24.06
C ASN B 236 -23.73 -3.64 25.26
N MET B 237 -23.59 -2.31 25.40
CA MET B 237 -22.70 -1.81 26.43
C MET B 237 -23.14 -0.41 26.82
N ASP B 238 -22.87 -0.06 28.07
CA ASP B 238 -23.15 1.29 28.52
C ASP B 238 -22.34 2.28 27.68
N MET B 239 -22.98 3.36 27.28
CA MET B 239 -22.42 4.31 26.33
C MET B 239 -22.85 5.73 26.68
N PRO B 240 -22.31 6.28 27.78
CA PRO B 240 -22.75 7.62 28.21
C PRO B 240 -22.43 8.71 27.20
N THR B 241 -21.33 8.62 26.44
CA THR B 241 -21.03 9.61 25.42
C THR B 241 -20.71 8.91 24.11
N SER B 242 -20.88 9.65 23.01
CA SER B 242 -20.54 9.11 21.70
C SER B 242 -19.04 8.88 21.53
N ASP B 243 -18.20 9.35 22.47
CA ASP B 243 -16.76 9.15 22.35
C ASP B 243 -16.39 7.67 22.37
N GLY B 244 -17.21 6.83 22.99
CA GLY B 244 -16.90 5.41 23.09
C GLY B 244 -17.52 4.51 22.03
N LEU B 245 -18.13 5.06 20.99
CA LEU B 245 -18.87 4.23 20.03
C LEU B 245 -17.99 3.18 19.40
N GLY B 246 -16.71 3.50 19.16
CA GLY B 246 -15.81 2.55 18.54
C GLY B 246 -15.56 1.32 19.37
N LEU B 247 -15.82 1.39 20.69
CA LEU B 247 -15.63 0.23 21.54
C LEU B 247 -16.62 -0.89 21.25
N ARG B 248 -17.74 -0.60 20.58
CA ARG B 248 -18.69 -1.66 20.26
C ARG B 248 -18.03 -2.73 19.40
N GLN B 249 -17.38 -2.31 18.30
CA GLN B 249 -16.67 -3.26 17.46
C GLN B 249 -15.38 -3.73 18.10
N ALA B 250 -14.68 -2.84 18.82
CA ALA B 250 -13.37 -3.20 19.36
C ALA B 250 -13.50 -4.31 20.40
N ILE B 251 -14.42 -4.15 21.36
CA ILE B 251 -14.59 -5.15 22.41
C ILE B 251 -15.11 -6.46 21.82
N THR B 252 -16.08 -6.39 20.91
CA THR B 252 -16.58 -7.60 20.24
C THR B 252 -15.43 -8.35 19.56
N LYS B 253 -14.58 -7.63 18.84
CA LYS B 253 -13.47 -8.30 18.17
C LYS B 253 -12.47 -8.90 19.15
N GLU B 254 -12.26 -8.26 20.31
CA GLU B 254 -11.42 -8.85 21.34
C GLU B 254 -11.98 -10.19 21.82
N VAL B 255 -13.31 -10.26 21.98
CA VAL B 255 -13.91 -11.53 22.38
C VAL B 255 -13.76 -12.56 21.27
N LEU B 256 -14.03 -12.16 20.01
CA LEU B 256 -13.84 -13.08 18.90
C LEU B 256 -12.42 -13.61 18.82
N LYS B 257 -11.42 -12.75 19.07
CA LYS B 257 -10.03 -13.21 19.04
C LYS B 257 -9.72 -14.13 20.22
N GLN B 258 -10.18 -13.75 21.42
CA GLN B 258 -9.97 -14.62 22.59
C GLN B 258 -10.51 -16.03 22.33
N GLU B 259 -11.65 -16.12 21.66
CA GLU B 259 -12.32 -17.39 21.39
C GLU B 259 -11.82 -18.07 20.11
N LYS B 260 -10.75 -17.55 19.50
CA LYS B 260 -10.13 -18.11 18.29
C LYS B 260 -11.07 -18.12 17.09
N ILE B 261 -12.09 -17.26 17.06
CA ILE B 261 -12.98 -17.21 15.91
C ILE B 261 -12.34 -16.44 14.77
N ILE B 262 -11.67 -15.34 15.08
CA ILE B 262 -10.90 -14.59 14.10
C ILE B 262 -9.47 -14.55 14.62
N PRO B 263 -8.47 -14.55 13.73
CA PRO B 263 -7.07 -14.47 14.16
C PRO B 263 -6.76 -13.18 14.90
N TYR C 19 13.28 13.66 30.82
CA TYR C 19 11.82 13.75 30.77
C TYR C 19 11.31 13.27 29.42
N PHE C 20 10.33 12.36 29.41
CA PHE C 20 9.78 11.77 28.14
C PHE C 20 8.25 11.92 28.05
N GLN C 21 7.69 11.77 26.85
CA GLN C 21 6.21 11.82 26.70
C GLN C 21 5.76 10.36 26.64
N GLY C 22 4.58 10.08 27.15
CA GLY C 22 4.07 8.70 27.09
C GLY C 22 3.81 8.32 25.66
N TRP C 23 4.03 7.06 25.34
CA TRP C 23 3.73 6.55 24.00
C TRP C 23 2.22 6.60 23.73
N GLN C 24 1.87 6.72 22.46
CA GLN C 24 0.48 6.81 22.04
C GLN C 24 0.13 5.56 21.24
N GLU C 25 -0.97 4.92 21.59
CA GLU C 25 -1.40 3.70 20.90
C GLU C 25 -2.50 4.02 19.91
N ASN C 26 -2.31 3.66 18.65
CA ASN C 26 -3.35 3.81 17.64
C ASN C 26 -3.66 2.44 17.08
N LYS C 27 -4.70 1.80 17.61
CA LYS C 27 -5.06 0.46 17.15
C LYS C 27 -5.78 0.45 15.82
N SER C 28 -6.18 1.62 15.30
CA SER C 28 -6.81 1.64 13.98
C SER C 28 -5.84 1.18 12.91
N TRP C 29 -4.53 1.25 13.18
CA TRP C 29 -3.55 0.73 12.24
C TRP C 29 -3.76 -0.77 11.99
N ASN C 30 -4.37 -1.49 12.93
CA ASN C 30 -4.54 -2.94 12.75
C ASN C 30 -5.33 -3.26 11.50
N ALA C 31 -6.20 -2.34 11.05
CA ALA C 31 -6.92 -2.56 9.79
C ALA C 31 -5.98 -2.84 8.63
N HIS C 32 -4.78 -2.21 8.63
CA HIS C 32 -3.85 -2.44 7.54
C HIS C 32 -3.27 -3.84 7.60
N PHE C 33 -3.06 -4.37 8.82
CA PHE C 33 -2.66 -5.76 8.96
C PHE C 33 -3.81 -6.69 8.60
N THR C 34 -5.00 -6.42 9.13
CA THR C 34 -6.14 -7.29 8.90
C THR C 34 -6.48 -7.42 7.42
N GLU C 35 -6.28 -6.35 6.65
CA GLU C 35 -6.51 -6.40 5.21
C GLU C 35 -5.81 -7.59 4.55
N HIS C 36 -4.65 -7.99 5.06
CA HIS C 36 -3.85 -9.06 4.47
C HIS C 36 -3.77 -10.28 5.38
N LYS C 37 -4.72 -10.45 6.28
CA LYS C 37 -4.77 -11.62 7.16
C LYS C 37 -3.51 -11.71 8.01
N SER C 38 -2.91 -10.60 8.36
CA SER C 38 -1.64 -10.64 9.04
C SER C 38 -1.71 -9.90 10.38
N GLN C 39 -0.67 -10.10 11.18
CA GLN C 39 -0.54 -9.47 12.49
C GLN C 39 0.87 -8.95 12.66
N GLY C 40 1.00 -7.86 13.40
CA GLY C 40 2.31 -7.30 13.69
C GLY C 40 2.22 -5.97 14.39
N VAL C 41 3.34 -5.25 14.40
CA VAL C 41 3.42 -3.95 15.06
C VAL C 41 4.18 -2.99 14.14
N VAL C 42 3.69 -1.76 14.05
CA VAL C 42 4.44 -0.64 13.47
C VAL C 42 4.71 0.33 14.60
N VAL C 43 5.97 0.75 14.74
CA VAL C 43 6.38 1.75 15.72
C VAL C 43 6.93 2.95 14.98
N LEU C 44 6.39 4.13 15.26
CA LEU C 44 6.88 5.39 14.70
C LEU C 44 7.42 6.27 15.82
N TRP C 45 8.42 7.08 15.48
CA TRP C 45 8.94 8.09 16.40
C TRP C 45 9.06 9.40 15.66
N ASN C 46 8.29 10.39 16.09
CA ASN C 46 8.37 11.75 15.59
C ASN C 46 9.56 12.43 16.25
N GLU C 47 10.59 12.75 15.48
CA GLU C 47 11.83 13.24 16.09
C GLU C 47 11.67 14.68 16.59
N ASN C 48 11.03 15.56 15.81
CA ASN C 48 10.84 16.94 16.26
C ASN C 48 10.07 16.99 17.56
N LYS C 49 8.99 16.22 17.67
CA LYS C 49 8.12 16.29 18.83
C LYS C 49 8.49 15.29 19.92
N GLN C 50 9.44 14.39 19.65
CA GLN C 50 9.88 13.40 20.62
C GLN C 50 8.69 12.61 21.18
N GLN C 51 7.83 12.17 20.27
CA GLN C 51 6.69 11.34 20.66
C GLN C 51 6.62 10.10 19.77
N GLY C 52 6.26 8.98 20.39
CA GLY C 52 6.16 7.71 19.71
C GLY C 52 4.72 7.30 19.53
N PHE C 53 4.47 6.53 18.46
CA PHE C 53 3.15 5.99 18.15
C PHE C 53 3.30 4.53 17.76
N THR C 54 2.34 3.71 18.19
CA THR C 54 2.34 2.30 17.79
C THR C 54 0.92 1.75 17.89
N ASN C 55 0.66 0.71 17.09
CA ASN C 55 -0.63 0.02 17.18
C ASN C 55 -0.65 -1.04 18.28
N ASN C 56 0.49 -1.34 18.89
CA ASN C 56 0.56 -2.43 19.86
C ASN C 56 1.71 -2.15 20.83
N LEU C 57 1.38 -1.55 21.98
CA LEU C 57 2.40 -1.14 22.95
C LEU C 57 3.26 -2.32 23.40
N LYS C 58 2.66 -3.48 23.67
CA LYS C 58 3.45 -4.58 24.22
C LYS C 58 4.32 -5.23 23.14
N ARG C 59 3.78 -5.43 21.94
CA ARG C 59 4.62 -5.99 20.88
C ARG C 59 5.68 -5.00 20.44
N ALA C 60 5.41 -3.69 20.58
CA ALA C 60 6.45 -2.72 20.29
C ALA C 60 7.69 -2.97 21.12
N ASN C 61 7.53 -3.55 22.32
CA ASN C 61 8.63 -3.78 23.25
C ASN C 61 9.08 -5.23 23.29
N GLN C 62 8.54 -6.07 22.40
CA GLN C 62 8.93 -7.47 22.37
C GLN C 62 10.23 -7.64 21.58
N ALA C 63 11.19 -8.34 22.17
CA ALA C 63 12.50 -8.50 21.55
C ALA C 63 12.55 -9.76 20.69
N PHE C 64 12.97 -9.62 19.45
CA PHE C 64 13.11 -10.73 18.50
C PHE C 64 14.54 -10.78 18.01
N LEU C 65 14.88 -11.88 17.33
CA LEU C 65 16.11 -11.91 16.57
C LEU C 65 16.11 -10.77 15.55
N PRO C 66 17.23 -10.07 15.37
CA PRO C 66 17.24 -8.98 14.39
C PRO C 66 17.28 -9.48 12.96
N ALA C 67 17.78 -10.71 12.74
CA ALA C 67 18.05 -11.24 11.41
C ALA C 67 18.81 -10.19 10.60
N SER C 68 18.42 -9.98 9.34
CA SER C 68 19.22 -9.14 8.45
C SER C 68 19.18 -7.66 8.80
N THR C 69 18.33 -7.22 9.74
CA THR C 69 18.46 -5.84 10.20
C THR C 69 19.79 -5.62 10.90
N PHE C 70 20.47 -6.70 11.30
CA PHE C 70 21.76 -6.60 11.97
C PHE C 70 22.85 -6.15 11.01
N KCX C 71 22.57 -6.18 9.72
CA KCX C 71 23.53 -5.68 8.73
CB KCX C 71 23.05 -5.91 7.30
CG KCX C 71 23.21 -7.41 6.95
CD KCX C 71 22.72 -7.72 5.54
CE KCX C 71 22.99 -9.19 5.16
NZ KCX C 71 22.07 -10.11 5.80
C KCX C 71 23.81 -4.22 8.95
O KCX C 71 24.86 -3.71 8.50
CX KCX C 71 22.37 -10.83 7.04
OQ1 KCX C 71 23.55 -10.84 7.52
OQ2 KCX C 71 21.45 -11.44 7.64
N ILE C 72 22.91 -3.48 9.61
CA ILE C 72 23.21 -2.07 9.88
C ILE C 72 24.40 -1.95 10.87
N PRO C 73 24.29 -2.50 12.10
CA PRO C 73 25.47 -2.47 13.00
C PRO C 73 26.68 -3.20 12.44
N ASN C 74 26.48 -4.36 11.81
CA ASN C 74 27.59 -5.08 11.21
C ASN C 74 28.36 -4.19 10.23
N SER C 75 27.65 -3.55 9.30
CA SER C 75 28.30 -2.64 8.36
C SER C 75 29.12 -1.58 9.08
N LEU C 76 28.54 -0.93 10.09
CA LEU C 76 29.24 0.14 10.79
C LEU C 76 30.54 -0.34 11.39
N ILE C 77 30.49 -1.47 12.10
CA ILE C 77 31.69 -2.01 12.74
C ILE C 77 32.74 -2.36 11.70
N ALA C 78 32.34 -3.04 10.63
CA ALA C 78 33.27 -3.46 9.59
C ALA C 78 33.94 -2.25 8.94
N LEU C 79 33.19 -1.16 8.73
CA LEU C 79 33.78 0.05 8.16
C LEU C 79 34.75 0.70 9.14
N ASP C 80 34.32 0.86 10.39
CA ASP C 80 35.13 1.56 11.39
C ASP C 80 36.45 0.83 11.66
N LEU C 81 36.45 -0.49 11.57
CA LEU C 81 37.65 -1.26 11.84
C LEU C 81 38.53 -1.45 10.61
N GLY C 82 38.09 -1.04 9.43
CA GLY C 82 38.87 -1.25 8.24
C GLY C 82 38.63 -2.57 7.53
N VAL C 83 37.73 -3.41 8.04
CA VAL C 83 37.33 -4.62 7.34
C VAL C 83 36.72 -4.26 5.98
N VAL C 84 35.97 -3.17 5.96
CA VAL C 84 35.41 -2.63 4.69
C VAL C 84 36.10 -1.28 4.47
N LYS C 85 36.83 -1.15 3.36
CA LYS C 85 37.61 0.07 3.08
C LYS C 85 36.65 1.19 2.69
N ASP C 86 35.74 0.91 1.76
CA ASP C 86 34.73 1.89 1.39
C ASP C 86 33.57 1.15 0.73
N GLU C 87 32.63 1.91 0.17
CA GLU C 87 31.43 1.35 -0.41
C GLU C 87 31.67 0.79 -1.81
N HIS C 88 32.89 0.89 -2.33
CA HIS C 88 33.23 0.34 -3.62
C HIS C 88 34.02 -0.97 -3.54
N GLN C 89 34.55 -1.33 -2.37
CA GLN C 89 35.36 -2.53 -2.26
C GLN C 89 34.54 -3.75 -2.65
N VAL C 90 35.14 -4.63 -3.43
CA VAL C 90 34.41 -5.82 -3.95
C VAL C 90 34.70 -7.01 -3.03
N PHE C 91 33.65 -7.76 -2.71
CA PHE C 91 33.75 -8.99 -1.90
C PHE C 91 33.37 -10.11 -2.85
N LYS C 92 34.40 -10.76 -3.37
CA LYS C 92 34.20 -11.80 -4.40
C LYS C 92 33.29 -12.93 -3.92
N TRP C 93 32.38 -13.36 -4.79
CA TRP C 93 31.53 -14.52 -4.52
C TRP C 93 32.39 -15.77 -4.37
N ASP C 94 32.15 -16.53 -3.30
CA ASP C 94 32.98 -17.69 -3.01
C ASP C 94 32.68 -18.89 -3.91
N GLY C 95 31.78 -18.74 -4.88
CA GLY C 95 31.53 -19.78 -5.84
C GLY C 95 30.54 -20.85 -5.42
N GLN C 96 29.96 -20.75 -4.24
CA GLN C 96 28.95 -21.71 -3.79
C GLN C 96 27.58 -21.17 -4.17
N THR C 97 26.91 -21.85 -5.09
CA THR C 97 25.58 -21.44 -5.50
C THR C 97 24.60 -21.63 -4.34
N ARG C 98 23.89 -20.56 -3.97
CA ARG C 98 22.93 -20.59 -2.88
C ARG C 98 21.53 -20.29 -3.42
N ASP C 99 20.55 -20.41 -2.54
CA ASP C 99 19.15 -20.41 -2.99
C ASP C 99 18.75 -19.06 -3.57
N ILE C 100 19.22 -17.96 -2.98
CA ILE C 100 18.87 -16.62 -3.43
C ILE C 100 19.86 -16.21 -4.51
N ALA C 101 19.36 -16.08 -5.75
CA ALA C 101 20.25 -15.97 -6.91
C ALA C 101 21.12 -14.70 -6.86
N THR C 102 20.60 -13.60 -6.30
CA THR C 102 21.37 -12.37 -6.26
C THR C 102 22.59 -12.47 -5.35
N TRP C 103 22.68 -13.50 -4.53
CA TRP C 103 23.87 -13.74 -3.72
C TRP C 103 25.01 -14.36 -4.51
N ASN C 104 24.72 -14.91 -5.69
CA ASN C 104 25.67 -15.72 -6.44
C ASN C 104 26.50 -14.88 -7.42
N ARG C 105 27.13 -13.83 -6.90
CA ARG C 105 27.85 -12.84 -7.70
C ARG C 105 28.68 -12.00 -6.75
N ASP C 106 29.64 -11.28 -7.31
CA ASP C 106 30.40 -10.32 -6.54
C ASP C 106 29.50 -9.18 -6.05
N HIS C 107 29.92 -8.55 -4.95
CA HIS C 107 29.13 -7.51 -4.30
C HIS C 107 30.05 -6.49 -3.66
N ASN C 108 29.51 -5.29 -3.44
CA ASN C 108 30.13 -4.29 -2.59
C ASN C 108 29.19 -4.02 -1.43
N LEU C 109 29.51 -3.01 -0.62
CA LEU C 109 28.66 -2.77 0.54
C LEU C 109 27.27 -2.36 0.11
N ILE C 110 27.17 -1.59 -0.98
CA ILE C 110 25.87 -1.11 -1.43
C ILE C 110 24.98 -2.26 -1.85
N THR C 111 25.48 -3.11 -2.75
CA THR C 111 24.66 -4.21 -3.25
C THR C 111 24.52 -5.32 -2.22
N ALA C 112 25.49 -5.48 -1.31
CA ALA C 112 25.33 -6.48 -0.27
C ALA C 112 24.20 -6.11 0.69
N MET C 113 24.02 -4.82 0.97
CA MET C 113 22.88 -4.40 1.79
C MET C 113 21.58 -4.59 1.02
N LYS C 114 21.57 -4.14 -0.24
CA LYS C 114 20.36 -4.17 -1.05
C LYS C 114 19.79 -5.57 -1.15
N TYR C 115 20.66 -6.56 -1.39
CA TYR C 115 20.24 -7.94 -1.59
C TYR C 115 20.37 -8.79 -0.34
N SER C 116 20.77 -8.18 0.78
CA SER C 116 20.83 -8.84 2.07
C SER C 116 21.72 -10.10 2.00
N VAL C 117 22.94 -9.92 1.50
CA VAL C 117 23.84 -11.02 1.18
C VAL C 117 24.56 -11.55 2.41
N VAL C 118 23.93 -12.52 3.09
CA VAL C 118 24.50 -13.11 4.31
C VAL C 118 25.97 -13.50 4.16
N PRO C 119 26.39 -14.25 3.13
CA PRO C 119 27.79 -14.73 3.15
C PRO C 119 28.82 -13.62 3.16
N VAL C 120 28.49 -12.46 2.59
CA VAL C 120 29.38 -11.31 2.67
C VAL C 120 29.47 -10.80 4.11
N TYR C 121 28.34 -10.74 4.81
CA TYR C 121 28.35 -10.27 6.19
C TYR C 121 28.89 -11.31 7.17
N GLN C 122 28.88 -12.59 6.80
CA GLN C 122 29.48 -13.59 7.66
C GLN C 122 31.00 -13.50 7.61
N GLU C 123 31.54 -13.23 6.41
CA GLU C 123 32.97 -12.93 6.30
C GLU C 123 33.33 -11.67 7.11
N PHE C 124 32.52 -10.61 7.02
CA PHE C 124 32.70 -9.45 7.89
C PHE C 124 32.78 -9.89 9.35
N ALA C 125 31.77 -10.63 9.81
CA ALA C 125 31.68 -10.97 11.23
C ALA C 125 32.90 -11.77 11.69
N ARG C 126 33.39 -12.68 10.84
CA ARG C 126 34.57 -13.46 11.22
C ARG C 126 35.80 -12.56 11.36
N GLN C 127 35.96 -11.61 10.44
CA GLN C 127 37.11 -10.72 10.52
C GLN C 127 37.01 -9.76 11.70
N ILE C 128 35.79 -9.36 12.04
CA ILE C 128 35.59 -8.50 13.21
C ILE C 128 35.98 -9.25 14.48
N GLY C 129 35.48 -10.47 14.63
CA GLY C 129 35.83 -11.29 15.77
C GLY C 129 34.86 -11.10 16.92
N GLU C 130 34.81 -12.11 17.79
CA GLU C 130 33.88 -12.10 18.91
C GLU C 130 34.12 -10.91 19.83
N ALA C 131 35.38 -10.67 20.17
CA ALA C 131 35.69 -9.67 21.19
C ALA C 131 35.25 -8.28 20.75
N ARG C 132 35.68 -7.86 19.56
CA ARG C 132 35.32 -6.52 19.09
C ARG C 132 33.84 -6.43 18.78
N MET C 133 33.26 -7.48 18.20
CA MET C 133 31.81 -7.49 17.96
C MET C 133 31.04 -7.24 19.26
N SER C 134 31.41 -7.97 20.32
CA SER C 134 30.74 -7.78 21.62
C SER C 134 30.99 -6.36 22.15
N LYS C 135 32.23 -5.92 22.14
CA LYS C 135 32.55 -4.58 22.69
C LYS C 135 31.77 -3.50 21.94
N MET C 136 31.63 -3.65 20.62
CA MET C 136 30.98 -2.60 19.85
C MET C 136 29.47 -2.57 20.11
N LEU C 137 28.85 -3.74 20.24
CA LEU C 137 27.41 -3.75 20.51
C LEU C 137 27.11 -3.21 21.90
N HIS C 138 28.03 -3.36 22.84
N HIS C 138 28.04 -3.35 22.84
CA HIS C 138 27.85 -2.72 24.15
CA HIS C 138 27.87 -2.73 24.15
C HIS C 138 27.91 -1.20 24.01
C HIS C 138 27.94 -1.20 24.04
N ALA C 139 28.92 -0.69 23.29
CA ALA C 139 29.03 0.75 23.10
C ALA C 139 27.83 1.32 22.34
N PHE C 140 27.27 0.55 21.40
CA PHE C 140 26.03 0.90 20.69
C PHE C 140 24.79 0.75 21.56
N ASP C 141 24.89 0.06 22.70
CA ASP C 141 23.73 -0.22 23.55
C ASP C 141 22.64 -0.93 22.73
N TYR C 142 23.07 -1.88 21.89
CA TYR C 142 22.21 -2.51 20.88
C TYR C 142 21.47 -3.68 21.50
N GLY C 143 20.13 -3.57 21.61
CA GLY C 143 19.34 -4.70 22.05
C GLY C 143 19.81 -5.24 23.40
N ASN C 144 19.77 -6.56 23.54
CA ASN C 144 20.29 -7.21 24.75
C ASN C 144 21.79 -7.44 24.69
N GLU C 145 22.49 -6.97 23.66
CA GLU C 145 23.95 -6.97 23.57
C GLU C 145 24.59 -8.37 23.70
N ASP C 146 23.84 -9.43 23.39
CA ASP C 146 24.28 -10.81 23.61
C ASP C 146 24.63 -11.46 22.26
N ILE C 147 25.92 -11.72 22.02
CA ILE C 147 26.34 -12.34 20.75
C ILE C 147 26.49 -13.86 20.87
N SER C 148 25.90 -14.46 21.91
CA SER C 148 26.07 -15.90 22.10
C SER C 148 25.64 -16.66 20.84
N GLY C 149 26.39 -17.70 20.53
CA GLY C 149 26.25 -18.45 19.30
C GLY C 149 27.48 -18.31 18.42
N ASN C 150 27.31 -18.70 17.16
CA ASN C 150 28.37 -18.53 16.19
C ASN C 150 28.64 -17.05 15.95
N VAL C 151 29.92 -16.70 15.82
CA VAL C 151 30.26 -15.31 15.54
C VAL C 151 29.72 -14.86 14.20
N ASP C 152 29.43 -15.78 13.29
CA ASP C 152 28.96 -15.41 11.96
C ASP C 152 27.51 -15.82 11.72
N SER C 153 26.75 -16.14 12.79
CA SER C 153 25.32 -16.37 12.63
C SER C 153 24.48 -15.96 13.83
N PHE C 154 25.06 -15.35 14.87
CA PHE C 154 24.29 -15.10 16.09
C PHE C 154 23.10 -14.17 15.86
N TRP C 155 23.12 -13.34 14.81
CA TRP C 155 21.96 -12.49 14.54
C TRP C 155 20.83 -13.23 13.83
N LEU C 156 21.08 -14.45 13.34
CA LEU C 156 20.07 -15.30 12.72
C LEU C 156 19.59 -16.45 13.60
N ASP C 157 20.48 -17.04 14.40
CA ASP C 157 20.04 -18.17 15.21
C ASP C 157 20.74 -18.23 16.56
N GLY C 158 21.26 -17.10 17.05
CA GLY C 158 21.95 -17.02 18.32
C GLY C 158 21.14 -16.29 19.38
N GLY C 159 21.84 -15.69 20.36
CA GLY C 159 21.17 -15.14 21.52
C GLY C 159 20.76 -13.68 21.46
N ILE C 160 21.16 -12.95 20.42
CA ILE C 160 20.87 -11.51 20.38
C ILE C 160 19.39 -11.28 20.18
N ARG C 161 18.83 -10.30 20.89
CA ARG C 161 17.41 -9.95 20.78
C ARG C 161 17.26 -8.44 20.85
N ILE C 162 16.37 -7.90 20.03
CA ILE C 162 16.13 -6.46 20.00
C ILE C 162 14.64 -6.24 19.70
N SER C 163 14.05 -5.28 20.40
CA SER C 163 12.66 -4.91 20.14
C SER C 163 12.59 -3.81 19.08
N ALA C 164 11.37 -3.55 18.60
CA ALA C 164 11.17 -2.46 17.65
C ALA C 164 11.50 -1.10 18.27
N THR C 165 11.15 -0.89 19.55
CA THR C 165 11.50 0.38 20.19
C THR C 165 13.01 0.50 20.39
N GLU C 166 13.67 -0.61 20.71
CA GLU C 166 15.13 -0.60 20.82
C GLU C 166 15.80 -0.36 19.47
N GLN C 167 15.21 -0.86 18.38
CA GLN C 167 15.72 -0.54 17.06
C GLN C 167 15.69 0.97 16.82
N ILE C 168 14.61 1.63 17.24
CA ILE C 168 14.53 3.07 17.03
C ILE C 168 15.61 3.79 17.84
N SER C 169 15.87 3.37 19.09
CA SER C 169 16.90 4.03 19.89
C SER C 169 18.24 3.96 19.20
N PHE C 170 18.56 2.81 18.59
CA PHE C 170 19.82 2.65 17.88
C PHE C 170 19.85 3.49 16.60
N LEU C 171 18.75 3.51 15.85
CA LEU C 171 18.71 4.24 14.59
C LEU C 171 18.83 5.74 14.81
N ARG C 172 18.24 6.26 15.89
CA ARG C 172 18.37 7.69 16.18
C ARG C 172 19.82 8.07 16.40
N LYS C 173 20.58 7.25 17.15
CA LYS C 173 21.99 7.54 17.36
C LYS C 173 22.73 7.59 16.03
N LEU C 174 22.47 6.62 15.15
CA LEU C 174 23.10 6.59 13.84
C LEU C 174 22.74 7.83 13.03
N TYR C 175 21.45 8.16 12.97
CA TYR C 175 21.02 9.35 12.22
C TYR C 175 21.78 10.59 12.68
N HIS C 176 21.99 10.74 14.00
CA HIS C 176 22.65 11.93 14.56
C HIS C 176 24.17 11.80 14.62
N ASN C 177 24.75 10.74 14.04
CA ASN C 177 26.19 10.50 14.08
C ASN C 177 26.71 10.40 15.51
N LYS C 178 25.89 9.88 16.41
CA LYS C 178 26.23 9.85 17.83
C LYS C 178 26.77 8.50 18.26
N LEU C 179 26.87 7.55 17.35
CA LEU C 179 27.46 6.23 17.68
C LEU C 179 28.97 6.38 17.87
N HIS C 180 29.55 5.44 18.61
CA HIS C 180 30.98 5.46 18.97
C HIS C 180 31.82 4.83 17.87
N VAL C 181 31.64 5.31 16.65
CA VAL C 181 32.48 4.99 15.52
C VAL C 181 32.68 6.29 14.75
N SER C 182 33.48 6.23 13.69
CA SER C 182 33.78 7.44 12.94
C SER C 182 32.53 8.05 12.29
N GLU C 183 32.57 9.38 12.11
CA GLU C 183 31.51 10.04 11.36
C GLU C 183 31.42 9.46 9.95
N ARG C 184 32.57 9.24 9.31
CA ARG C 184 32.60 8.69 7.96
C ARG C 184 31.89 7.34 7.90
N SER C 185 32.21 6.44 8.85
N SER C 185 32.17 6.45 8.86
CA SER C 185 31.56 5.14 8.87
CA SER C 185 31.54 5.13 8.83
C SER C 185 30.05 5.28 8.94
C SER C 185 30.04 5.25 8.97
N GLN C 186 29.56 6.20 9.79
CA GLN C 186 28.13 6.40 9.90
C GLN C 186 27.54 6.94 8.60
N ARG C 187 28.23 7.88 7.95
CA ARG C 187 27.74 8.41 6.67
C ARG C 187 27.65 7.31 5.62
N ILE C 188 28.67 6.45 5.52
CA ILE C 188 28.64 5.43 4.47
C ILE C 188 27.48 4.45 4.69
N VAL C 189 27.22 4.04 5.94
CA VAL C 189 26.12 3.10 6.18
C VAL C 189 24.76 3.75 5.88
N LYS C 190 24.61 5.03 6.21
CA LYS C 190 23.36 5.70 5.87
C LYS C 190 23.18 5.78 4.36
N GLN C 191 24.29 5.96 3.62
CA GLN C 191 24.23 5.86 2.15
C GLN C 191 23.80 4.45 1.72
N ALA C 192 24.40 3.41 2.30
CA ALA C 192 24.06 2.05 1.94
C ALA C 192 22.62 1.68 2.31
N MET C 193 22.03 2.38 3.29
CA MET C 193 20.65 2.15 3.69
C MET C 193 19.64 2.78 2.75
N LEU C 194 20.07 3.62 1.82
CA LEU C 194 19.14 4.29 0.92
C LEU C 194 18.25 3.26 0.25
N THR C 195 16.93 3.44 0.40
CA THR C 195 15.94 2.50 -0.11
C THR C 195 15.00 3.13 -1.13
N GLU C 196 14.46 4.31 -0.84
CA GLU C 196 13.55 4.99 -1.74
C GLU C 196 13.72 6.50 -1.60
N ALA C 197 13.59 7.22 -2.70
CA ALA C 197 13.67 8.67 -2.62
C ALA C 197 12.85 9.29 -3.74
N ASN C 198 12.12 10.35 -3.41
CA ASN C 198 11.39 11.13 -4.40
C ASN C 198 11.26 12.55 -3.87
N GLY C 199 10.45 13.37 -4.54
CA GLY C 199 10.26 14.75 -4.14
C GLY C 199 9.51 14.94 -2.83
N ASP C 200 8.96 13.86 -2.25
CA ASP C 200 8.21 13.98 -1.01
C ASP C 200 8.92 13.41 0.20
N TYR C 201 9.81 12.44 0.03
CA TYR C 201 10.40 11.81 1.20
C TYR C 201 11.60 11.00 0.78
N ILE C 202 12.46 10.68 1.75
CA ILE C 202 13.59 9.77 1.58
C ILE C 202 13.46 8.69 2.64
N ILE C 203 13.56 7.42 2.24
CA ILE C 203 13.55 6.33 3.20
C ILE C 203 14.93 5.68 3.21
N ARG C 204 15.52 5.60 4.40
CA ARG C 204 16.71 4.81 4.64
C ARG C 204 16.31 3.70 5.59
N ALA C 205 16.55 2.45 5.20
CA ALA C 205 15.99 1.36 5.98
C ALA C 205 16.73 0.07 5.63
N LYS C 206 16.49 -0.96 6.45
CA LYS C 206 16.95 -2.30 6.15
C LYS C 206 15.83 -3.27 6.52
N THR C 207 15.53 -4.18 5.60
CA THR C 207 14.57 -5.27 5.82
C THR C 207 15.23 -6.42 6.58
N GLY C 208 14.40 -7.24 7.21
CA GLY C 208 14.87 -8.46 7.85
C GLY C 208 13.83 -9.55 7.78
N TYR C 209 14.31 -10.79 7.67
CA TYR C 209 13.45 -11.98 7.66
C TYR C 209 14.05 -13.02 8.58
N SER C 210 13.39 -13.24 9.73
CA SER C 210 13.90 -14.16 10.75
C SER C 210 13.16 -15.49 10.58
N THR C 211 13.90 -16.54 10.18
CA THR C 211 13.32 -17.86 9.93
C THR C 211 13.97 -19.00 10.70
N ARG C 212 15.24 -18.88 11.09
CA ARG C 212 15.96 -20.01 11.66
C ARG C 212 15.41 -20.43 13.03
N ILE C 213 14.75 -19.52 13.75
CA ILE C 213 14.21 -19.81 15.07
C ILE C 213 12.83 -19.18 15.15
N GLU C 214 11.87 -19.92 15.68
CA GLU C 214 10.51 -19.42 15.79
C GLU C 214 10.45 -18.24 16.76
N PRO C 215 9.52 -17.30 16.55
CA PRO C 215 8.56 -17.31 15.45
C PRO C 215 9.13 -16.67 14.19
N LYS C 216 8.73 -17.14 13.01
CA LYS C 216 9.16 -16.50 11.78
C LYS C 216 8.55 -15.09 11.68
N ILE C 217 9.39 -14.07 11.55
CA ILE C 217 8.90 -12.70 11.46
C ILE C 217 9.67 -11.97 10.38
N GLY C 218 9.04 -10.94 9.83
CA GLY C 218 9.69 -10.01 8.93
C GLY C 218 9.88 -8.69 9.66
N TRP C 219 11.01 -8.05 9.40
CA TRP C 219 11.33 -6.72 9.93
C TRP C 219 11.34 -5.69 8.81
N TRP C 220 11.05 -4.44 9.18
CA TRP C 220 11.52 -3.28 8.40
C TRP C 220 11.83 -2.17 9.39
N VAL C 221 13.07 -1.69 9.41
CA VAL C 221 13.49 -0.64 10.32
C VAL C 221 14.26 0.43 9.55
N GLY C 222 14.06 1.68 9.95
CA GLY C 222 14.74 2.78 9.29
C GLY C 222 14.13 4.10 9.67
N TRP C 223 14.14 5.04 8.73
CA TRP C 223 13.49 6.30 8.97
C TRP C 223 13.06 6.93 7.67
N VAL C 224 12.16 7.90 7.77
CA VAL C 224 11.64 8.68 6.67
C VAL C 224 12.11 10.11 6.87
N GLU C 225 12.91 10.62 5.94
CA GLU C 225 13.36 12.02 6.02
C GLU C 225 12.39 12.90 5.27
N LEU C 226 11.85 13.91 5.95
CA LEU C 226 11.04 14.94 5.31
C LEU C 226 11.86 16.23 5.24
N ASP C 227 11.29 17.28 4.66
CA ASP C 227 12.01 18.55 4.59
C ASP C 227 12.40 19.05 5.98
N ASP C 228 11.52 18.89 6.97
CA ASP C 228 11.69 19.58 8.24
C ASP C 228 11.49 18.66 9.45
N ASN C 229 11.51 17.35 9.24
CA ASN C 229 11.32 16.39 10.32
C ASN C 229 11.91 15.07 9.86
N VAL C 230 12.14 14.17 10.81
CA VAL C 230 12.44 12.78 10.48
C VAL C 230 11.52 11.88 11.31
N TRP C 231 10.97 10.87 10.68
CA TRP C 231 10.12 9.90 11.36
C TRP C 231 10.84 8.56 11.36
N PHE C 232 11.30 8.13 12.53
CA PHE C 232 11.91 6.82 12.65
C PHE C 232 10.84 5.75 12.70
N PHE C 233 11.12 4.59 12.12
CA PHE C 233 10.13 3.52 12.18
C PHE C 233 10.82 2.18 12.42
N ALA C 234 10.08 1.26 13.02
CA ALA C 234 10.52 -0.10 13.18
C ALA C 234 9.26 -0.94 13.21
N MET C 235 9.17 -1.93 12.33
CA MET C 235 8.00 -2.78 12.26
C MET C 235 8.45 -4.23 12.22
N ASN C 236 7.61 -5.10 12.76
CA ASN C 236 7.78 -6.53 12.52
C ASN C 236 6.39 -7.16 12.46
N MET C 237 6.32 -8.28 11.77
CA MET C 237 5.04 -8.96 11.55
C MET C 237 5.29 -10.45 11.40
N ASP C 238 4.28 -11.24 11.76
CA ASP C 238 4.39 -12.69 11.58
C ASP C 238 4.57 -13.00 10.10
N MET C 239 5.53 -13.87 9.79
CA MET C 239 5.87 -14.18 8.39
C MET C 239 6.09 -15.69 8.25
N PRO C 240 5.02 -16.47 8.26
CA PRO C 240 5.19 -17.93 8.14
C PRO C 240 5.71 -18.37 6.78
N THR C 241 5.36 -17.67 5.70
CA THR C 241 5.93 -17.96 4.39
C THR C 241 6.50 -16.68 3.80
N SER C 242 7.43 -16.86 2.85
CA SER C 242 8.01 -15.72 2.15
C SER C 242 7.02 -15.06 1.20
N ASP C 243 5.83 -15.64 1.01
CA ASP C 243 4.81 -15.01 0.18
C ASP C 243 4.51 -13.58 0.62
N GLY C 244 4.60 -13.31 1.91
CA GLY C 244 4.17 -12.06 2.49
C GLY C 244 5.23 -11.01 2.69
N LEU C 245 6.44 -11.20 2.16
CA LEU C 245 7.54 -10.30 2.50
C LEU C 245 7.25 -8.87 2.03
N GLY C 246 6.58 -8.73 0.88
CA GLY C 246 6.23 -7.41 0.39
C GLY C 246 5.30 -6.65 1.31
N LEU C 247 4.61 -7.36 2.22
CA LEU C 247 3.72 -6.70 3.16
C LEU C 247 4.45 -5.84 4.17
N ARG C 248 5.73 -6.11 4.42
CA ARG C 248 6.50 -5.33 5.38
C ARG C 248 6.48 -3.85 4.98
N GLN C 249 6.92 -3.54 3.76
CA GLN C 249 6.95 -2.15 3.31
C GLN C 249 5.54 -1.64 3.07
N ALA C 250 4.67 -2.49 2.54
CA ALA C 250 3.35 -2.02 2.11
C ALA C 250 2.51 -1.59 3.31
N ILE C 251 2.49 -2.41 4.37
CA ILE C 251 1.71 -2.05 5.57
C ILE C 251 2.32 -0.82 6.24
N THR C 252 3.64 -0.76 6.31
CA THR C 252 4.30 0.42 6.89
C THR C 252 3.90 1.68 6.14
N LYS C 253 3.89 1.63 4.81
CA LYS C 253 3.53 2.81 4.02
C LYS C 253 2.06 3.17 4.21
N GLU C 254 1.20 2.17 4.45
CA GLU C 254 -0.20 2.48 4.77
C GLU C 254 -0.30 3.27 6.06
N VAL C 255 0.48 2.90 7.07
CA VAL C 255 0.49 3.65 8.32
C VAL C 255 1.04 5.05 8.09
N LEU C 256 2.15 5.15 7.36
CA LEU C 256 2.74 6.46 7.07
C LEU C 256 1.74 7.34 6.34
N LYS C 257 0.97 6.76 5.42
CA LYS C 257 -0.03 7.56 4.71
C LYS C 257 -1.15 7.97 5.66
N GLN C 258 -1.61 7.06 6.52
CA GLN C 258 -2.70 7.41 7.42
C GLN C 258 -2.32 8.56 8.34
N GLU C 259 -1.09 8.56 8.81
CA GLU C 259 -0.58 9.60 9.68
C GLU C 259 -0.09 10.83 8.92
N LYS C 260 -0.41 10.93 7.63
CA LYS C 260 -0.08 12.09 6.79
C LYS C 260 1.42 12.35 6.69
N ILE C 261 2.26 11.33 6.89
CA ILE C 261 3.71 11.53 6.78
C ILE C 261 4.15 11.46 5.33
N ILE C 262 3.54 10.57 4.55
CA ILE C 262 3.80 10.51 3.12
C ILE C 262 2.46 10.69 2.40
N PRO C 263 2.46 11.21 1.17
CA PRO C 263 1.17 11.36 0.49
C PRO C 263 0.62 10.00 0.02
N GLY D 22 36.08 7.83 -26.80
CA GLY D 22 35.36 8.35 -27.95
C GLY D 22 33.92 8.75 -27.67
N TRP D 23 33.36 9.56 -28.55
CA TRP D 23 31.96 10.00 -28.45
C TRP D 23 31.19 9.48 -29.66
N GLN D 24 29.94 9.12 -29.47
CA GLN D 24 29.09 8.75 -30.61
C GLN D 24 27.87 9.64 -30.60
N GLU D 25 27.50 10.10 -31.79
CA GLU D 25 26.28 10.86 -31.96
C GLU D 25 25.13 9.93 -32.28
N ASN D 26 24.07 10.01 -31.51
CA ASN D 26 22.85 9.21 -31.71
C ASN D 26 21.72 10.20 -31.98
N LYS D 27 21.51 10.53 -33.25
CA LYS D 27 20.52 11.55 -33.60
C LYS D 27 19.08 11.06 -33.42
N SER D 28 18.84 9.78 -33.15
CA SER D 28 17.47 9.34 -32.91
C SER D 28 16.88 9.98 -31.65
N TRP D 29 17.72 10.42 -30.71
CA TRP D 29 17.17 11.06 -29.52
C TRP D 29 16.47 12.37 -29.85
N ASN D 30 16.73 12.94 -31.02
CA ASN D 30 16.08 14.20 -31.40
C ASN D 30 14.57 14.07 -31.42
N ALA D 31 14.05 12.86 -31.68
CA ALA D 31 12.61 12.64 -31.66
C ALA D 31 12.01 13.00 -30.30
N HIS D 32 12.73 12.74 -29.22
CA HIS D 32 12.23 13.09 -27.90
C HIS D 32 12.09 14.60 -27.72
N PHE D 33 12.97 15.39 -28.33
CA PHE D 33 12.85 16.84 -28.28
C PHE D 33 11.76 17.32 -29.23
N THR D 34 11.74 16.80 -30.46
CA THR D 34 10.83 17.33 -31.47
C THR D 34 9.37 17.07 -31.12
N GLU D 35 9.09 15.99 -30.38
CA GLU D 35 7.72 15.71 -29.94
C GLU D 35 7.15 16.87 -29.12
N HIS D 36 8.00 17.58 -28.37
CA HIS D 36 7.52 18.66 -27.52
C HIS D 36 7.83 20.04 -28.08
N LYS D 37 8.02 20.14 -29.40
CA LYS D 37 8.35 21.39 -30.07
C LYS D 37 9.62 22.04 -29.54
N SER D 38 10.53 21.26 -28.93
CA SER D 38 11.69 21.85 -28.27
C SER D 38 12.98 21.47 -29.00
N GLN D 39 14.08 22.04 -28.52
CA GLN D 39 15.42 21.73 -29.00
C GLN D 39 16.34 21.63 -27.80
N GLY D 40 17.27 20.68 -27.85
CA GLY D 40 18.22 20.55 -26.76
C GLY D 40 19.22 19.44 -27.01
N VAL D 41 19.99 19.13 -25.98
CA VAL D 41 21.04 18.11 -26.05
C VAL D 41 20.99 17.28 -24.78
N VAL D 42 21.20 15.97 -24.93
CA VAL D 42 21.46 15.08 -23.81
C VAL D 42 22.83 14.48 -24.05
N VAL D 43 23.65 14.46 -23.00
CA VAL D 43 24.97 13.86 -23.04
C VAL D 43 25.01 12.77 -21.98
N LEU D 44 25.36 11.55 -22.39
CA LEU D 44 25.50 10.41 -21.48
C LEU D 44 26.93 9.92 -21.49
N TRP D 45 27.38 9.43 -20.33
CA TRP D 45 28.71 8.85 -20.20
C TRP D 45 28.60 7.53 -19.43
N ASN D 46 28.94 6.44 -20.11
CA ASN D 46 28.98 5.10 -19.52
C ASN D 46 30.30 4.96 -18.80
N GLU D 47 30.29 4.95 -17.46
CA GLU D 47 31.55 4.97 -16.73
C GLU D 47 32.35 3.68 -16.91
N ASN D 48 31.70 2.52 -16.85
CA ASN D 48 32.42 1.25 -17.03
C ASN D 48 33.10 1.19 -18.39
N LYS D 49 32.37 1.54 -19.45
CA LYS D 49 32.89 1.39 -20.80
C LYS D 49 33.66 2.61 -21.29
N GLN D 50 33.59 3.72 -20.55
CA GLN D 50 34.29 4.96 -20.94
C GLN D 50 33.84 5.40 -22.33
N GLN D 51 32.52 5.44 -22.53
CA GLN D 51 31.88 5.71 -23.81
C GLN D 51 30.86 6.81 -23.62
N GLY D 52 30.95 7.85 -24.44
CA GLY D 52 30.04 8.97 -24.39
C GLY D 52 29.06 8.92 -25.56
N PHE D 53 27.88 9.47 -25.33
CA PHE D 53 26.81 9.48 -26.31
C PHE D 53 26.09 10.82 -26.24
N THR D 54 25.73 11.36 -27.40
CA THR D 54 24.93 12.57 -27.43
C THR D 54 24.15 12.63 -28.74
N ASN D 55 23.04 13.36 -28.71
CA ASN D 55 22.29 13.60 -29.93
C ASN D 55 22.85 14.75 -30.74
N ASN D 56 23.79 15.53 -30.20
CA ASN D 56 24.20 16.78 -30.84
C ASN D 56 25.56 17.18 -30.27
N LEU D 57 26.63 16.75 -30.95
CA LEU D 57 27.98 17.01 -30.46
C LEU D 57 28.25 18.51 -30.37
N LYS D 58 27.79 19.27 -31.35
CA LYS D 58 27.99 20.71 -31.36
C LYS D 58 27.39 21.34 -30.10
N ARG D 59 26.08 21.12 -29.89
CA ARG D 59 25.46 21.72 -28.71
C ARG D 59 26.01 21.13 -27.41
N ALA D 60 26.48 19.87 -27.44
CA ALA D 60 27.05 19.29 -26.23
C ALA D 60 28.24 20.10 -25.74
N ASN D 61 28.92 20.79 -26.65
CA ASN D 61 30.11 21.54 -26.34
C ASN D 61 29.90 23.05 -26.31
N GLN D 62 28.67 23.52 -26.46
CA GLN D 62 28.40 24.95 -26.30
C GLN D 62 28.24 25.27 -24.81
N ALA D 63 28.80 26.41 -24.40
CA ALA D 63 28.84 26.74 -22.99
C ALA D 63 27.76 27.77 -22.66
N PHE D 64 27.10 27.57 -21.53
CA PHE D 64 25.98 28.39 -21.08
C PHE D 64 26.18 28.75 -19.62
N LEU D 65 25.45 29.76 -19.16
CA LEU D 65 25.34 30.01 -17.73
C LEU D 65 24.93 28.73 -17.03
N PRO D 66 25.61 28.33 -15.94
CA PRO D 66 25.17 27.14 -15.19
C PRO D 66 23.89 27.37 -14.41
N ALA D 67 23.57 28.63 -14.11
CA ALA D 67 22.44 28.98 -13.25
C ALA D 67 22.47 28.05 -12.04
N SER D 68 21.34 27.48 -11.66
CA SER D 68 21.32 26.77 -10.38
C SER D 68 22.09 25.45 -10.38
N THR D 69 22.57 24.94 -11.53
CA THR D 69 23.48 23.79 -11.40
C THR D 69 24.78 24.18 -10.71
N PHE D 70 25.08 25.47 -10.62
CA PHE D 70 26.23 25.93 -9.88
C PHE D 70 26.10 25.62 -8.36
N KCX D 71 24.91 25.28 -7.91
CA KCX D 71 24.74 24.97 -6.48
CB KCX D 71 23.25 24.74 -6.12
CG KCX D 71 22.53 26.09 -6.02
CD KCX D 71 21.05 25.94 -5.65
CE KCX D 71 20.37 27.30 -5.48
NZ KCX D 71 20.16 27.92 -6.78
C KCX D 71 25.59 23.76 -6.09
O KCX D 71 25.95 23.57 -4.88
CX KCX D 71 21.02 28.98 -7.28
OQ1 KCX D 71 21.93 29.46 -6.53
OQ2 KCX D 71 20.86 29.43 -8.45
N ILE D 72 25.98 22.95 -7.06
CA ILE D 72 26.83 21.80 -6.77
C ILE D 72 28.25 22.27 -6.35
N PRO D 73 29.01 22.95 -7.21
CA PRO D 73 30.31 23.49 -6.72
C PRO D 73 30.16 24.47 -5.56
N ASN D 74 29.13 25.33 -5.57
CA ASN D 74 28.93 26.27 -4.47
C ASN D 74 28.81 25.53 -3.14
N SER D 75 27.98 24.48 -3.09
CA SER D 75 27.88 23.69 -1.87
C SER D 75 29.22 23.11 -1.47
N LEU D 76 29.95 22.55 -2.44
CA LEU D 76 31.22 21.91 -2.12
C LEU D 76 32.20 22.89 -1.48
N ILE D 77 32.34 24.07 -2.09
CA ILE D 77 33.29 25.06 -1.59
C ILE D 77 32.87 25.57 -0.22
N ALA D 78 31.56 25.78 -0.02
CA ALA D 78 31.07 26.26 1.27
C ALA D 78 31.36 25.24 2.39
N LEU D 79 31.14 23.95 2.11
CA LEU D 79 31.45 22.91 3.08
C LEU D 79 32.96 22.84 3.35
N ASP D 80 33.75 22.81 2.29
CA ASP D 80 35.19 22.65 2.49
C ASP D 80 35.78 23.82 3.28
N LEU D 81 35.23 25.02 3.09
CA LEU D 81 35.76 26.18 3.78
C LEU D 81 35.16 26.38 5.18
N GLY D 82 34.17 25.57 5.56
CA GLY D 82 33.49 25.73 6.83
C GLY D 82 32.40 26.79 6.84
N VAL D 83 32.10 27.40 5.70
CA VAL D 83 30.95 28.29 5.62
C VAL D 83 29.68 27.52 5.97
N VAL D 84 29.56 26.29 5.48
CA VAL D 84 28.50 25.38 5.88
C VAL D 84 29.13 24.30 6.76
N LYS D 85 28.69 24.22 8.01
CA LYS D 85 29.29 23.27 8.97
C LYS D 85 28.89 21.84 8.66
N ASP D 86 27.61 21.62 8.38
CA ASP D 86 27.12 20.32 7.96
C ASP D 86 25.76 20.52 7.30
N GLU D 87 25.15 19.41 6.92
CA GLU D 87 23.90 19.44 6.17
C GLU D 87 22.69 19.72 7.04
N HIS D 88 22.88 19.90 8.35
CA HIS D 88 21.80 20.28 9.26
C HIS D 88 21.80 21.76 9.61
N GLN D 89 22.90 22.47 9.38
CA GLN D 89 22.97 23.87 9.77
C GLN D 89 21.85 24.66 9.11
N VAL D 90 21.17 25.47 9.90
CA VAL D 90 19.97 26.18 9.47
C VAL D 90 20.37 27.57 8.98
N PHE D 91 19.95 27.91 7.78
CA PHE D 91 20.18 29.24 7.22
C PHE D 91 18.83 29.93 7.17
N LYS D 92 18.68 30.94 8.02
CA LYS D 92 17.36 31.47 8.32
C LYS D 92 16.88 32.35 7.19
N TRP D 93 15.58 32.30 6.95
CA TRP D 93 15.00 33.15 5.92
C TRP D 93 15.10 34.60 6.37
N ASP D 94 15.44 35.49 5.42
CA ASP D 94 15.58 36.90 5.76
C ASP D 94 14.24 37.61 5.95
N GLY D 95 13.12 36.88 5.82
CA GLY D 95 11.81 37.46 6.01
C GLY D 95 11.28 38.27 4.84
N GLN D 96 11.95 38.24 3.69
CA GLN D 96 11.48 38.92 2.49
C GLN D 96 10.77 37.91 1.61
N THR D 97 9.49 38.11 1.37
CA THR D 97 8.73 37.16 0.58
C THR D 97 9.15 37.23 -0.88
N ARG D 98 9.55 36.09 -1.44
CA ARG D 98 9.95 35.98 -2.83
C ARG D 98 8.96 35.10 -3.59
N ASP D 99 9.14 35.08 -4.92
CA ASP D 99 8.18 34.45 -5.81
C ASP D 99 8.01 32.97 -5.51
N ILE D 100 9.10 32.23 -5.30
CA ILE D 100 9.00 30.79 -5.06
C ILE D 100 8.68 30.57 -3.59
N ALA D 101 7.49 30.03 -3.31
CA ALA D 101 7.01 29.97 -1.94
C ALA D 101 7.91 29.14 -1.04
N THR D 102 8.55 28.09 -1.59
CA THR D 102 9.43 27.27 -0.77
C THR D 102 10.71 28.00 -0.38
N TRP D 103 11.01 29.16 -0.98
CA TRP D 103 12.15 29.95 -0.52
C TRP D 103 11.88 30.70 0.77
N ASN D 104 10.62 30.92 1.10
CA ASN D 104 10.23 31.83 2.19
C ASN D 104 10.15 31.05 3.50
N ARG D 105 11.28 30.49 3.90
CA ARG D 105 11.36 29.62 5.08
C ARG D 105 12.82 29.37 5.40
N ASP D 106 13.08 28.88 6.61
CA ASP D 106 14.41 28.43 6.96
C ASP D 106 14.82 27.24 6.08
N HIS D 107 16.12 27.07 5.87
CA HIS D 107 16.63 25.98 5.04
C HIS D 107 17.94 25.43 5.58
N ASN D 108 18.20 24.19 5.26
CA ASN D 108 19.54 23.62 5.43
C ASN D 108 20.07 23.27 4.04
N LEU D 109 21.26 22.68 4.01
CA LEU D 109 21.86 22.37 2.71
C LEU D 109 20.97 21.45 1.88
N ILE D 110 20.32 20.47 2.52
CA ILE D 110 19.50 19.52 1.77
C ILE D 110 18.31 20.24 1.13
N THR D 111 17.57 21.02 1.91
CA THR D 111 16.38 21.64 1.37
C THR D 111 16.73 22.81 0.47
N ALA D 112 17.85 23.48 0.72
CA ALA D 112 18.25 24.58 -0.15
C ALA D 112 18.56 24.07 -1.55
N MET D 113 19.22 22.90 -1.62
CA MET D 113 19.47 22.23 -2.89
C MET D 113 18.17 21.79 -3.56
N LYS D 114 17.29 21.15 -2.78
CA LYS D 114 16.05 20.59 -3.31
C LYS D 114 15.16 21.66 -3.92
N TYR D 115 15.05 22.82 -3.27
CA TYR D 115 14.17 23.88 -3.77
C TYR D 115 14.93 24.99 -4.48
N SER D 116 16.22 24.79 -4.73
CA SER D 116 17.04 25.73 -5.50
C SER D 116 16.99 27.13 -4.90
N VAL D 117 17.26 27.22 -3.58
CA VAL D 117 16.99 28.45 -2.84
C VAL D 117 18.14 29.45 -3.04
N VAL D 118 18.00 30.34 -4.03
CA VAL D 118 19.07 31.29 -4.36
C VAL D 118 19.55 32.09 -3.15
N PRO D 119 18.69 32.73 -2.36
CA PRO D 119 19.23 33.60 -1.30
C PRO D 119 20.13 32.88 -0.32
N VAL D 120 19.91 31.59 -0.06
CA VAL D 120 20.83 30.83 0.79
C VAL D 120 22.20 30.73 0.12
N TYR D 121 22.22 30.41 -1.18
CA TYR D 121 23.48 30.24 -1.89
C TYR D 121 24.18 31.57 -2.12
N GLN D 122 23.43 32.67 -2.17
CA GLN D 122 24.06 33.98 -2.29
C GLN D 122 24.83 34.32 -1.03
N GLU D 123 24.27 33.95 0.14
CA GLU D 123 24.99 34.12 1.39
C GLU D 123 26.25 33.25 1.44
N PHE D 124 26.15 31.98 1.01
CA PHE D 124 27.36 31.16 0.91
C PHE D 124 28.45 31.87 0.12
N ALA D 125 28.08 32.40 -1.06
CA ALA D 125 29.06 32.96 -1.98
C ALA D 125 29.71 34.19 -1.40
N ARG D 126 28.92 35.03 -0.72
CA ARG D 126 29.50 36.24 -0.12
C ARG D 126 30.49 35.85 0.95
N GLN D 127 30.21 34.78 1.69
CA GLN D 127 31.11 34.35 2.74
C GLN D 127 32.36 33.67 2.17
N ILE D 128 32.19 32.88 1.10
CA ILE D 128 33.36 32.34 0.40
C ILE D 128 34.24 33.45 -0.11
N GLY D 129 33.64 34.43 -0.81
CA GLY D 129 34.37 35.56 -1.35
C GLY D 129 34.93 35.27 -2.74
N GLU D 130 35.22 36.36 -3.48
CA GLU D 130 35.59 36.15 -4.89
C GLU D 130 36.92 35.43 -5.04
N ALA D 131 37.90 35.70 -4.17
CA ALA D 131 39.22 35.12 -4.37
C ALA D 131 39.18 33.59 -4.20
N ARG D 132 38.58 33.11 -3.12
CA ARG D 132 38.54 31.67 -2.89
C ARG D 132 37.59 30.98 -3.84
N MET D 133 36.51 31.65 -4.23
CA MET D 133 35.61 31.10 -5.23
C MET D 133 36.37 30.85 -6.53
N SER D 134 37.14 31.84 -6.99
CA SER D 134 37.82 31.69 -8.27
C SER D 134 38.93 30.64 -8.16
N LYS D 135 39.65 30.64 -7.03
CA LYS D 135 40.68 29.63 -6.80
C LYS D 135 40.09 28.22 -6.85
N MET D 136 38.92 28.05 -6.23
CA MET D 136 38.30 26.73 -6.18
C MET D 136 37.85 26.27 -7.56
N LEU D 137 37.24 27.17 -8.35
CA LEU D 137 36.77 26.79 -9.68
C LEU D 137 37.92 26.44 -10.61
N HIS D 138 39.05 27.16 -10.50
N HIS D 138 39.04 27.16 -10.49
CA HIS D 138 40.25 26.74 -11.22
CA HIS D 138 40.24 26.78 -11.22
C HIS D 138 40.68 25.36 -10.77
C HIS D 138 40.74 25.40 -10.77
N ALA D 139 40.72 25.13 -9.46
CA ALA D 139 41.13 23.82 -8.96
C ALA D 139 40.20 22.73 -9.48
N PHE D 140 38.89 23.02 -9.58
CA PHE D 140 37.91 22.08 -10.09
C PHE D 140 37.93 21.92 -11.60
N ASP D 141 38.70 22.75 -12.32
CA ASP D 141 38.64 22.81 -13.78
C ASP D 141 37.20 23.05 -14.26
N TYR D 142 36.44 23.83 -13.49
CA TYR D 142 35.00 23.99 -13.70
C TYR D 142 34.71 25.00 -14.81
N GLY D 143 34.18 24.51 -15.93
CA GLY D 143 33.78 25.40 -17.02
C GLY D 143 34.89 26.36 -17.43
N ASN D 144 34.50 27.58 -17.74
CA ASN D 144 35.50 28.58 -18.12
C ASN D 144 36.19 29.22 -16.93
N GLU D 145 35.85 28.81 -15.70
CA GLU D 145 36.59 29.22 -14.49
C GLU D 145 36.54 30.74 -14.26
N ASP D 146 35.52 31.41 -14.78
CA ASP D 146 35.43 32.87 -14.81
C ASP D 146 34.27 33.30 -13.93
N ILE D 147 34.55 34.06 -12.87
CA ILE D 147 33.47 34.48 -11.97
C ILE D 147 33.15 35.97 -12.13
N SER D 148 33.47 36.56 -13.29
CA SER D 148 33.21 37.98 -13.52
C SER D 148 31.79 38.32 -13.12
N GLY D 149 31.63 39.44 -12.45
CA GLY D 149 30.32 39.85 -11.99
C GLY D 149 30.27 39.90 -10.49
N ASN D 150 29.06 40.02 -9.97
CA ASN D 150 28.88 40.05 -8.52
C ASN D 150 29.09 38.65 -7.96
N VAL D 151 29.80 38.59 -6.82
CA VAL D 151 30.14 37.29 -6.28
C VAL D 151 28.90 36.52 -5.89
N ASP D 152 27.76 37.20 -5.69
CA ASP D 152 26.57 36.49 -5.27
C ASP D 152 25.54 36.36 -6.39
N SER D 153 25.97 36.55 -7.65
CA SER D 153 25.05 36.39 -8.76
C SER D 153 25.71 35.91 -10.06
N PHE D 154 27.02 35.67 -10.07
CA PHE D 154 27.69 35.49 -11.36
C PHE D 154 27.24 34.23 -12.08
N TRP D 155 26.75 33.21 -11.36
CA TRP D 155 26.24 32.02 -12.02
C TRP D 155 24.88 32.26 -12.68
N LEU D 156 24.23 33.38 -12.37
CA LEU D 156 22.98 33.78 -13.00
C LEU D 156 23.14 34.90 -14.02
N ASP D 157 24.09 35.82 -13.83
CA ASP D 157 24.20 36.89 -14.81
C ASP D 157 25.62 37.44 -14.95
N GLY D 158 26.63 36.66 -14.58
CA GLY D 158 28.01 37.06 -14.72
C GLY D 158 28.70 36.27 -15.80
N GLY D 159 29.99 36.02 -15.64
CA GLY D 159 30.81 35.54 -16.73
C GLY D 159 31.03 34.05 -16.83
N ILE D 160 30.52 33.26 -15.90
CA ILE D 160 30.81 31.84 -15.89
C ILE D 160 29.99 31.12 -16.96
N ARG D 161 30.63 30.20 -17.67
CA ARG D 161 29.99 29.42 -18.72
C ARG D 161 30.48 27.99 -18.59
N ILE D 162 29.60 27.03 -18.84
CA ILE D 162 29.99 25.63 -18.80
C ILE D 162 29.15 24.88 -19.82
N SER D 163 29.75 23.90 -20.47
CA SER D 163 29.05 23.08 -21.43
C SER D 163 28.59 21.78 -20.77
N ALA D 164 27.69 21.09 -21.48
CA ALA D 164 27.20 19.79 -21.01
C ALA D 164 28.34 18.78 -20.86
N THR D 165 29.27 18.75 -21.82
CA THR D 165 30.38 17.81 -21.66
C THR D 165 31.26 18.22 -20.48
N GLU D 166 31.44 19.54 -20.27
CA GLU D 166 32.21 20.01 -19.12
C GLU D 166 31.48 19.71 -17.79
N GLN D 167 30.14 19.72 -17.79
CA GLN D 167 29.42 19.32 -16.59
C GLN D 167 29.76 17.88 -16.23
N ILE D 168 29.69 16.97 -17.23
CA ILE D 168 30.06 15.57 -17.00
C ILE D 168 31.47 15.47 -16.42
N SER D 169 32.41 16.22 -16.99
CA SER D 169 33.79 16.08 -16.56
C SER D 169 33.94 16.45 -15.09
N PHE D 170 33.24 17.50 -14.67
CA PHE D 170 33.24 17.90 -13.26
C PHE D 170 32.52 16.86 -12.40
N LEU D 171 31.39 16.35 -12.87
CA LEU D 171 30.62 15.40 -12.05
C LEU D 171 31.38 14.10 -11.84
N ARG D 172 32.15 13.66 -12.84
CA ARG D 172 32.92 12.44 -12.69
C ARG D 172 33.95 12.58 -11.58
N LYS D 173 34.61 13.75 -11.47
CA LYS D 173 35.54 13.99 -10.37
C LYS D 173 34.83 13.91 -9.02
N LEU D 174 33.66 14.57 -8.92
CA LEU D 174 32.89 14.53 -7.67
C LEU D 174 32.50 13.09 -7.33
N TYR D 175 31.99 12.34 -8.32
CA TYR D 175 31.61 10.95 -8.05
C TYR D 175 32.77 10.16 -7.44
N HIS D 176 33.98 10.35 -7.97
CA HIS D 176 35.15 9.60 -7.55
C HIS D 176 35.89 10.25 -6.38
N ASN D 177 35.32 11.28 -5.75
CA ASN D 177 35.98 12.02 -4.65
C ASN D 177 37.37 12.55 -5.09
N LYS D 178 37.49 12.94 -6.34
CA LYS D 178 38.80 13.43 -6.83
C LYS D 178 38.92 14.94 -6.84
N LEU D 179 37.87 15.66 -6.49
CA LEU D 179 38.02 17.11 -6.41
C LEU D 179 38.92 17.49 -5.24
N HIS D 180 39.59 18.64 -5.37
CA HIS D 180 40.53 19.11 -4.36
C HIS D 180 39.80 19.78 -3.21
N VAL D 181 38.84 19.06 -2.62
CA VAL D 181 38.24 19.38 -1.33
C VAL D 181 38.19 18.07 -0.54
N SER D 182 37.79 18.17 0.73
CA SER D 182 37.80 16.99 1.58
C SER D 182 36.84 15.93 1.05
N GLU D 183 37.13 14.66 1.38
CA GLU D 183 36.22 13.57 1.07
C GLU D 183 34.86 13.82 1.71
N ARG D 184 34.86 14.27 2.97
CA ARG D 184 33.62 14.58 3.66
C ARG D 184 32.77 15.58 2.87
N SER D 185 33.36 16.68 2.41
N SER D 185 33.37 16.67 2.40
CA SER D 185 32.59 17.67 1.67
CA SER D 185 32.57 17.67 1.69
C SER D 185 31.94 17.05 0.45
C SER D 185 31.95 17.08 0.42
N GLN D 186 32.68 16.18 -0.25
CA GLN D 186 32.16 15.57 -1.45
C GLN D 186 31.02 14.61 -1.13
N ARG D 187 31.16 13.83 -0.05
CA ARG D 187 30.08 12.92 0.33
C ARG D 187 28.82 13.69 0.68
N ILE D 188 28.96 14.79 1.41
CA ILE D 188 27.79 15.54 1.85
C ILE D 188 27.06 16.14 0.64
N VAL D 189 27.82 16.66 -0.33
CA VAL D 189 27.16 17.23 -1.51
C VAL D 189 26.44 16.15 -2.30
N LYS D 190 27.06 14.97 -2.44
CA LYS D 190 26.36 13.91 -3.16
C LYS D 190 25.11 13.47 -2.42
N GLN D 191 25.13 13.51 -1.08
CA GLN D 191 23.90 13.32 -0.32
C GLN D 191 22.87 14.38 -0.66
N ALA D 192 23.29 15.65 -0.71
CA ALA D 192 22.32 16.71 -1.01
C ALA D 192 21.79 16.63 -2.44
N MET D 193 22.54 16.02 -3.36
CA MET D 193 22.08 15.86 -4.73
C MET D 193 21.02 14.77 -4.90
N LEU D 194 20.78 13.92 -3.89
CA LEU D 194 19.79 12.85 -4.02
C LEU D 194 18.47 13.40 -4.54
N THR D 195 18.01 12.83 -5.65
CA THR D 195 16.76 13.24 -6.29
C THR D 195 15.75 12.11 -6.33
N GLU D 196 16.16 10.92 -6.75
CA GLU D 196 15.24 9.81 -6.86
C GLU D 196 16.01 8.52 -6.59
N ALA D 197 15.36 7.56 -5.94
CA ALA D 197 15.95 6.26 -5.68
C ALA D 197 14.84 5.22 -5.59
N ASN D 198 15.08 4.07 -6.19
CA ASN D 198 14.19 2.92 -6.04
C ASN D 198 15.04 1.67 -6.13
N GLY D 199 14.40 0.52 -6.29
CA GLY D 199 15.14 -0.72 -6.42
C GLY D 199 15.88 -0.91 -7.73
N ASP D 200 15.72 0.02 -8.68
CA ASP D 200 16.40 -0.10 -9.96
C ASP D 200 17.53 0.90 -10.13
N TYR D 201 17.42 2.10 -9.59
CA TYR D 201 18.43 3.11 -9.82
C TYR D 201 18.40 4.15 -8.71
N ILE D 202 19.52 4.87 -8.58
CA ILE D 202 19.61 6.08 -7.76
C ILE D 202 20.00 7.22 -8.69
N ILE D 203 19.26 8.33 -8.64
CA ILE D 203 19.62 9.54 -9.39
C ILE D 203 20.08 10.61 -8.41
N ARG D 204 21.31 11.09 -8.62
CA ARG D 204 21.83 12.27 -7.95
C ARG D 204 22.07 13.34 -9.00
N ALA D 205 21.50 14.53 -8.79
CA ALA D 205 21.42 15.49 -9.88
C ALA D 205 21.03 16.85 -9.32
N LYS D 206 21.06 17.86 -10.19
CA LYS D 206 20.64 19.21 -9.87
C LYS D 206 20.08 19.83 -11.15
N THR D 207 18.89 20.41 -11.02
CA THR D 207 18.26 21.16 -12.09
C THR D 207 18.77 22.60 -12.12
N GLY D 208 18.54 23.25 -13.25
CA GLY D 208 18.89 24.65 -13.38
C GLY D 208 18.00 25.31 -14.40
N TYR D 209 17.83 26.61 -14.25
CA TYR D 209 16.96 27.39 -15.13
C TYR D 209 17.61 28.76 -15.29
N SER D 210 18.03 29.08 -16.51
CA SER D 210 18.76 30.32 -16.79
C SER D 210 17.92 31.19 -17.71
N THR D 211 17.59 32.42 -17.25
CA THR D 211 16.78 33.33 -18.04
C THR D 211 17.38 34.69 -18.26
N ARG D 212 18.46 35.06 -17.57
CA ARG D 212 18.91 36.45 -17.59
C ARG D 212 19.69 36.81 -18.85
N ILE D 213 20.16 35.82 -19.59
CA ILE D 213 20.82 36.02 -20.88
C ILE D 213 20.32 34.94 -21.80
N GLU D 214 20.28 35.24 -23.10
CA GLU D 214 19.81 34.31 -24.12
C GLU D 214 20.89 33.28 -24.46
N PRO D 215 20.50 32.08 -24.89
CA PRO D 215 19.11 31.63 -24.94
C PRO D 215 18.63 31.19 -23.56
N LYS D 216 17.37 31.43 -23.20
CA LYS D 216 16.85 30.87 -21.97
C LYS D 216 16.87 29.35 -22.06
N ILE D 217 17.41 28.68 -21.03
CA ILE D 217 17.58 27.24 -21.10
C ILE D 217 17.26 26.60 -19.75
N GLY D 218 16.92 25.32 -19.82
CA GLY D 218 16.81 24.47 -18.65
C GLY D 218 17.95 23.46 -18.67
N TRP D 219 18.45 23.13 -17.48
CA TRP D 219 19.52 22.17 -17.27
C TRP D 219 19.02 21.02 -16.40
N TRP D 220 19.58 19.83 -16.63
CA TRP D 220 19.58 18.75 -15.65
C TRP D 220 20.90 18.02 -15.81
N VAL D 221 21.68 17.95 -14.72
CA VAL D 221 22.99 17.31 -14.76
C VAL D 221 23.13 16.43 -13.51
N GLY D 222 23.80 15.29 -13.67
CA GLY D 222 23.99 14.38 -12.54
C GLY D 222 24.39 13.00 -13.04
N TRP D 223 23.95 11.98 -12.32
CA TRP D 223 24.29 10.64 -12.77
C TRP D 223 23.25 9.66 -12.24
N VAL D 224 23.27 8.46 -12.82
CA VAL D 224 22.37 7.37 -12.47
C VAL D 224 23.22 6.23 -11.96
N GLU D 225 23.02 5.83 -10.70
CA GLU D 225 23.76 4.71 -10.13
C GLU D 225 22.96 3.43 -10.32
N LEU D 226 23.55 2.46 -11.00
CA LEU D 226 23.01 1.12 -11.10
C LEU D 226 23.79 0.21 -10.16
N ASP D 227 23.36 -1.06 -10.05
CA ASP D 227 24.09 -1.99 -9.20
C ASP D 227 25.57 -2.04 -9.58
N ASP D 228 25.86 -2.04 -10.89
CA ASP D 228 27.20 -2.37 -11.36
C ASP D 228 27.79 -1.34 -12.33
N ASN D 229 27.19 -0.17 -12.45
CA ASN D 229 27.71 0.84 -13.36
C ASN D 229 27.11 2.18 -12.97
N VAL D 230 27.70 3.26 -13.49
CA VAL D 230 27.21 4.61 -13.30
C VAL D 230 27.08 5.25 -14.66
N TRP D 231 25.96 5.90 -14.92
CA TRP D 231 25.76 6.66 -16.14
C TRP D 231 25.67 8.12 -15.74
N PHE D 232 26.65 8.92 -16.18
CA PHE D 232 26.57 10.35 -15.96
C PHE D 232 25.73 10.97 -17.06
N PHE D 233 25.01 12.04 -16.72
CA PHE D 233 24.25 12.74 -17.73
C PHE D 233 24.33 14.25 -17.54
N ALA D 234 24.18 14.96 -18.65
CA ALA D 234 24.08 16.41 -18.65
C ALA D 234 23.21 16.79 -19.82
N MET D 235 22.13 17.49 -19.55
CA MET D 235 21.23 17.93 -20.61
C MET D 235 20.95 19.41 -20.45
N ASN D 236 20.76 20.09 -21.57
CA ASN D 236 20.14 21.39 -21.54
C ASN D 236 19.24 21.50 -22.77
N MET D 237 18.25 22.37 -22.66
CA MET D 237 17.24 22.51 -23.70
C MET D 237 16.73 23.94 -23.69
N ASP D 238 16.25 24.40 -24.84
CA ASP D 238 15.66 25.73 -24.91
C ASP D 238 14.42 25.78 -24.01
N MET D 239 14.28 26.90 -23.29
CA MET D 239 13.23 27.07 -22.29
C MET D 239 12.63 28.47 -22.41
N PRO D 240 11.82 28.72 -23.47
CA PRO D 240 11.31 30.09 -23.68
C PRO D 240 10.34 30.57 -22.61
N THR D 241 9.61 29.68 -21.95
CA THR D 241 8.83 30.03 -20.77
C THR D 241 9.04 28.96 -19.71
N SER D 242 8.66 29.28 -18.48
CA SER D 242 8.73 28.31 -17.40
C SER D 242 7.78 27.13 -17.59
N ASP D 243 6.88 27.19 -18.56
CA ASP D 243 5.88 26.13 -18.73
C ASP D 243 6.52 24.79 -19.05
N GLY D 244 7.71 24.79 -19.63
CA GLY D 244 8.34 23.56 -20.08
C GLY D 244 9.31 22.91 -19.12
N LEU D 245 9.42 23.39 -17.88
CA LEU D 245 10.53 22.98 -17.01
C LEU D 245 10.54 21.48 -16.75
N GLY D 246 9.36 20.86 -16.62
CA GLY D 246 9.28 19.43 -16.40
C GLY D 246 9.80 18.59 -17.56
N LEU D 247 9.94 19.19 -18.74
CA LEU D 247 10.51 18.45 -19.87
C LEU D 247 11.98 18.11 -19.64
N ARG D 248 12.68 18.82 -18.75
CA ARG D 248 14.08 18.51 -18.49
C ARG D 248 14.22 17.05 -18.02
N GLN D 249 13.49 16.69 -16.96
CA GLN D 249 13.56 15.32 -16.46
C GLN D 249 12.88 14.34 -17.41
N ALA D 250 11.75 14.73 -18.00
CA ALA D 250 10.97 13.79 -18.81
C ALA D 250 11.74 13.36 -20.05
N ILE D 251 12.35 14.32 -20.75
CA ILE D 251 13.09 13.97 -21.96
C ILE D 251 14.34 13.17 -21.62
N THR D 252 15.05 13.58 -20.56
CA THR D 252 16.20 12.79 -20.10
C THR D 252 15.78 11.35 -19.80
N LYS D 253 14.68 11.17 -19.10
CA LYS D 253 14.24 9.81 -18.78
C LYS D 253 13.82 9.05 -20.03
N GLU D 254 13.26 9.72 -21.04
CA GLU D 254 12.98 9.04 -22.31
C GLU D 254 14.26 8.53 -22.94
N VAL D 255 15.34 9.31 -22.89
CA VAL D 255 16.62 8.84 -23.41
C VAL D 255 17.15 7.69 -22.57
N LEU D 256 17.09 7.83 -21.23
CA LEU D 256 17.57 6.75 -20.36
C LEU D 256 16.79 5.46 -20.57
N LYS D 257 15.50 5.57 -20.86
CA LYS D 257 14.70 4.38 -21.14
C LYS D 257 15.07 3.78 -22.48
N GLN D 258 15.25 4.63 -23.51
CA GLN D 258 15.62 4.11 -24.83
C GLN D 258 16.93 3.34 -24.77
N GLU D 259 17.88 3.83 -23.98
CA GLU D 259 19.18 3.17 -23.86
C GLU D 259 19.20 2.03 -22.84
N LYS D 260 18.04 1.61 -22.31
CA LYS D 260 17.94 0.49 -21.36
C LYS D 260 18.63 0.78 -20.04
N ILE D 261 18.91 2.04 -19.73
CA ILE D 261 19.53 2.38 -18.46
C ILE D 261 18.54 2.30 -17.32
N ILE D 262 17.32 2.76 -17.53
CA ILE D 262 16.26 2.58 -16.53
C ILE D 262 15.09 1.91 -17.22
N PRO D 263 14.25 1.14 -16.50
CA PRO D 263 13.18 0.42 -17.19
C PRO D 263 12.01 1.34 -17.58
B12 RM9 E . -7.61 -21.16 -11.95
C02 RM9 E . -6.60 -18.29 -9.03
C04 RM9 E . -5.81 -19.61 -9.15
C05 RM9 E . -4.56 -19.74 -8.45
C07 RM9 E . -3.81 -20.93 -8.57
C08 RM9 E . -4.26 -21.97 -9.37
C09 RM9 E . -5.45 -21.88 -10.11
C10 RM9 E . -6.21 -20.70 -9.96
C14 RM9 E . -7.21 -22.65 -11.82
C15 RM9 E . -7.30 -23.63 -10.73
C16 RM9 E . -6.03 -22.91 -10.92
F06 RM9 E . -4.15 -18.72 -7.69
O01 RM9 E . -7.53 -18.26 -8.22
O03 RM9 E . -6.22 -17.37 -9.78
O11 RM9 E . -7.44 -20.52 -10.65
O13 RM9 E . -7.20 -20.21 -12.89
MG MG F . 4.88 -0.98 -6.31
MG MG G . -21.85 -12.30 -28.98
CL CL H . -22.51 -9.78 -0.08
B12 RM9 I . -29.08 4.65 15.57
C02 RM9 I . -25.13 3.47 14.86
C04 RM9 I . -25.50 4.89 15.31
C05 RM9 I . -24.43 5.75 15.74
C07 RM9 I . -24.73 7.05 16.17
C08 RM9 I . -26.02 7.51 16.17
C09 RM9 I . -27.10 6.72 15.78
C10 RM9 I . -26.81 5.41 15.32
C14 RM9 I . -29.59 6.12 15.47
C15 RM9 I . -29.38 7.25 14.55
C16 RM9 I . -28.51 7.14 15.71
F06 RM9 I . -23.21 5.28 15.74
O01 RM9 I . -24.90 2.66 15.73
O03 RM9 I . -25.07 3.30 13.65
O11 RM9 I . -27.81 4.54 14.92
O13 RM9 I . -29.01 3.81 16.68
MG MG J . -43.82 -13.94 19.36
MG MG K . -8.74 -4.36 25.36
B12 RM9 L . 17.99 -11.63 6.27
C02 RM9 L . 15.46 -9.18 3.95
C04 RM9 L . 15.59 -10.74 3.70
C05 RM9 L . 14.60 -11.40 2.89
C07 RM9 L . 14.66 -12.81 2.69
C08 RM9 L . 15.67 -13.54 3.28
C09 RM9 L . 16.64 -12.97 4.11
C10 RM9 L . 16.59 -11.57 4.28
C14 RM9 L . 18.61 -12.98 5.79
C15 RM9 L . 19.22 -13.49 4.56
C16 RM9 L . 17.77 -13.65 4.74
F06 RM9 L . 13.64 -10.68 2.36
O01 RM9 L . 14.65 -8.85 4.80
O03 RM9 L . 16.15 -8.43 3.26
O11 RM9 L . 17.52 -10.90 5.11
O13 RM9 L . 17.04 -11.38 7.29
MG MG M . 23.63 -1.17 27.30
CL CL N . 22.48 9.22 0.01
B12 RM9 O . 18.09 28.25 -10.63
C02 RM9 O . 15.85 24.72 -10.96
C04 RM9 O . 15.17 26.13 -10.99
C05 RM9 O . 13.77 26.24 -11.40
C07 RM9 O . 13.17 27.51 -11.43
C08 RM9 O . 13.87 28.65 -11.09
C09 RM9 O . 15.23 28.60 -10.72
C10 RM9 O . 15.84 27.33 -10.64
C14 RM9 O . 17.53 29.60 -10.11
C15 RM9 O . 16.66 30.01 -8.99
C16 RM9 O . 16.05 29.74 -10.30
F06 RM9 O . 13.10 25.16 -11.72
O01 RM9 O . 16.09 24.24 -9.86
O03 RM9 O . 16.11 24.22 -12.05
O11 RM9 O . 17.19 27.17 -10.29
O13 RM9 O . 18.57 27.93 -11.89
MG MG P . 41.25 24.39 -16.12
MG MG Q . 30.95 0.36 -9.20
MG MG R . 41.75 31.47 -15.19
#